data_5KRA
#
_entry.id   5KRA
#
_cell.length_a   58.580
_cell.length_b   82.960
_cell.length_c   104.970
_cell.angle_alpha   90.00
_cell.angle_beta   101.12
_cell.angle_gamma   90.00
#
_symmetry.space_group_name_H-M   'P 1 21 1'
#
loop_
_entity.id
_entity.type
_entity.pdbx_description
1 polymer 'Estrogen receptor'
2 polymer NCOA2
3 non-polymer 1-[2,2-bis(chloranyl)-1-(4-chlorophenyl)ethenyl]-4-chloranyl-benzene
4 non-polymer 1-chloranyl-4-[2,2,2-tris(chloranyl)-1-(4-chlorophenyl)ethyl]benzene
5 water water
#
loop_
_entity_poly.entity_id
_entity_poly.type
_entity_poly.pdbx_seq_one_letter_code
_entity_poly.pdbx_strand_id
1 'polypeptide(L)'
;IKRSKKNSLALSLTADQMVSALLDAEPPILYSEYDPTRPFSEASMMGLLTNLADRELVHMINWAKRVPGFVDLTLHDQVH
LLECAWLEILMIGLVWRSMEHPGKLLFAPNLLLDRNQGKCVEGMVEIFDMLLATSSRFRMMNLQGEEFVCLKSIILLNSG
VYTFLSSTLKSLEEKDHIHRVLDKITDTLIHLMAKAGLTLQQQHQRLAQLLLILSHIRHMSNKGMEHLYSMKCKNVVPLS
DLLLEMLDAHRLHAPTS
;
A,B,E,F
2 'polypeptide(L)' KHKILHRLLQDSSS C,D,G,H
#
# COMPACT_ATOMS: atom_id res chain seq x y z
N SER A 8 -21.65 -12.93 38.68
CA SER A 8 -21.03 -12.21 37.57
C SER A 8 -21.89 -12.27 36.31
N LEU A 9 -22.40 -11.12 35.89
CA LEU A 9 -23.28 -11.03 34.73
C LEU A 9 -22.57 -11.42 33.43
N ALA A 10 -21.26 -11.22 33.39
CA ALA A 10 -20.48 -11.40 32.18
C ALA A 10 -20.55 -12.82 31.62
N LEU A 11 -20.57 -13.81 32.50
CA LEU A 11 -20.57 -15.21 32.07
C LEU A 11 -21.94 -15.65 31.59
N SER A 12 -22.98 -14.97 32.05
CA SER A 12 -24.35 -15.31 31.66
C SER A 12 -24.71 -14.69 30.32
N LEU A 13 -23.91 -13.75 29.86
CA LEU A 13 -24.13 -13.11 28.58
C LEU A 13 -23.96 -14.11 27.43
N THR A 14 -24.75 -13.95 26.38
CA THR A 14 -24.54 -14.75 25.18
C THR A 14 -23.43 -14.12 24.37
N ALA A 15 -23.04 -14.78 23.27
CA ALA A 15 -21.95 -14.29 22.44
C ALA A 15 -22.33 -12.97 21.75
N ASP A 16 -23.53 -12.92 21.19
CA ASP A 16 -24.00 -11.71 20.52
C ASP A 16 -24.15 -10.56 21.51
N GLN A 17 -24.60 -10.87 22.72
CA GLN A 17 -24.73 -9.85 23.76
C GLN A 17 -23.37 -9.38 24.25
N MET A 18 -22.36 -10.25 24.17
CA MET A 18 -21.00 -9.90 24.56
C MET A 18 -20.43 -8.90 23.55
N VAL A 19 -20.63 -9.17 22.26
CA VAL A 19 -20.18 -8.28 21.21
C VAL A 19 -20.85 -6.91 21.33
N SER A 20 -22.17 -6.91 21.53
CA SER A 20 -22.93 -5.68 21.64
C SER A 20 -22.46 -4.83 22.81
N ALA A 21 -22.12 -5.49 23.93
CA ALA A 21 -21.62 -4.78 25.10
C ALA A 21 -20.29 -4.10 24.82
N LEU A 22 -19.42 -4.82 24.13
CA LEU A 22 -18.08 -4.30 23.81
C LEU A 22 -18.15 -3.16 22.80
N LEU A 23 -18.96 -3.33 21.76
CA LEU A 23 -19.11 -2.33 20.72
C LEU A 23 -19.68 -1.02 21.28
N ASP A 24 -20.68 -1.15 22.15
CA ASP A 24 -21.34 0.01 22.73
C ASP A 24 -20.42 0.74 23.71
N ALA A 25 -19.42 0.03 24.21
CA ALA A 25 -18.50 0.58 25.21
C ALA A 25 -17.31 1.30 24.56
N GLU A 26 -17.24 1.25 23.24
CA GLU A 26 -16.12 1.84 22.51
C GLU A 26 -15.92 3.31 22.78
N PRO A 27 -14.69 3.70 23.15
CA PRO A 27 -14.34 5.10 23.37
C PRO A 27 -14.32 5.88 22.07
N PRO A 28 -14.63 7.18 22.14
CA PRO A 28 -14.68 8.02 20.94
C PRO A 28 -13.30 8.28 20.35
N ILE A 29 -13.28 8.83 19.13
CA ILE A 29 -12.02 9.24 18.52
C ILE A 29 -11.80 10.72 18.78
N LEU A 30 -10.71 11.05 19.47
CA LEU A 30 -10.43 12.41 19.86
C LEU A 30 -9.60 13.13 18.81
N TYR A 31 -9.62 14.47 18.87
CA TYR A 31 -8.85 15.28 17.93
C TYR A 31 -7.60 15.85 18.57
N SER A 32 -6.63 16.22 17.74
CA SER A 32 -5.39 16.82 18.22
C SER A 32 -5.57 18.33 18.36
N GLU A 33 -4.80 18.94 19.26
CA GLU A 33 -4.92 20.36 19.55
C GLU A 33 -4.33 21.23 18.44
N TYR A 34 -5.06 21.32 17.32
CA TYR A 34 -4.62 22.15 16.21
C TYR A 34 -5.59 23.30 15.97
N PHE A 40 6.80 20.91 12.14
CA PHE A 40 6.64 20.25 13.43
C PHE A 40 7.97 19.80 14.01
N SER A 41 8.38 20.43 15.10
CA SER A 41 9.63 20.07 15.77
C SER A 41 9.47 18.79 16.59
N GLU A 42 10.53 18.40 17.29
CA GLU A 42 10.49 17.20 18.13
C GLU A 42 9.89 17.48 19.50
N ALA A 43 9.83 18.76 19.87
CA ALA A 43 9.24 19.15 21.15
C ALA A 43 7.72 19.30 21.04
N SER A 44 7.27 19.78 19.88
CA SER A 44 5.84 19.97 19.65
C SER A 44 5.17 18.65 19.28
N MET A 45 5.91 17.80 18.57
CA MET A 45 5.42 16.48 18.19
C MET A 45 5.08 15.64 19.42
N MET A 46 6.04 15.56 20.34
CA MET A 46 5.86 14.80 21.56
C MET A 46 4.78 15.43 22.44
N GLY A 47 4.76 16.76 22.49
CA GLY A 47 3.78 17.48 23.27
C GLY A 47 2.37 17.16 22.84
N LEU A 48 2.18 17.01 21.53
CA LEU A 48 0.85 16.73 20.98
C LEU A 48 0.43 15.28 21.21
N LEU A 49 1.36 14.35 21.00
CA LEU A 49 1.06 12.93 21.15
C LEU A 49 0.79 12.57 22.60
N THR A 50 1.52 13.18 23.53
CA THR A 50 1.34 12.88 24.94
C THR A 50 0.07 13.53 25.46
N ASN A 51 -0.23 14.73 24.96
CA ASN A 51 -1.47 15.40 25.31
C ASN A 51 -2.67 14.57 24.89
N LEU A 52 -2.59 14.02 23.68
CA LEU A 52 -3.64 13.16 23.14
C LEU A 52 -3.74 11.86 23.94
N ALA A 53 -2.60 11.31 24.32
CA ALA A 53 -2.55 10.06 25.07
C ALA A 53 -3.19 10.23 26.45
N ASP A 54 -2.93 11.35 27.09
CA ASP A 54 -3.52 11.63 28.40
C ASP A 54 -5.05 11.74 28.34
N ARG A 55 -5.57 12.32 27.27
CA ARG A 55 -7.01 12.50 27.15
C ARG A 55 -7.68 11.19 26.75
N GLU A 56 -7.01 10.39 25.94
CA GLU A 56 -7.50 9.06 25.59
C GLU A 56 -7.49 8.12 26.79
N LEU A 57 -6.53 8.32 27.68
CA LEU A 57 -6.42 7.50 28.89
C LEU A 57 -7.66 7.63 29.76
N VAL A 58 -8.15 8.86 29.89
CA VAL A 58 -9.34 9.13 30.68
C VAL A 58 -10.54 8.36 30.14
N HIS A 59 -10.67 8.32 28.81
CA HIS A 59 -11.76 7.59 28.19
C HIS A 59 -11.58 6.08 28.33
N MET A 60 -10.33 5.63 28.31
CA MET A 60 -10.04 4.20 28.44
C MET A 60 -10.49 3.68 29.80
N ILE A 61 -10.23 4.45 30.84
CA ILE A 61 -10.61 4.07 32.20
C ILE A 61 -12.13 3.90 32.32
N ASN A 62 -12.88 4.78 31.68
CA ASN A 62 -14.33 4.65 31.65
C ASN A 62 -14.79 3.50 30.76
N TRP A 63 -14.00 3.19 29.73
CA TRP A 63 -14.28 2.05 28.87
C TRP A 63 -14.04 0.74 29.62
N ALA A 64 -12.99 0.72 30.43
CA ALA A 64 -12.64 -0.46 31.21
C ALA A 64 -13.77 -0.90 32.14
N LYS A 65 -14.47 0.06 32.73
CA LYS A 65 -15.58 -0.23 33.64
C LYS A 65 -16.71 -0.96 32.92
N ARG A 66 -16.90 -0.62 31.65
CA ARG A 66 -17.99 -1.18 30.86
C ARG A 66 -17.64 -2.53 30.25
N VAL A 67 -16.39 -2.95 30.40
CA VAL A 67 -15.98 -4.27 29.94
C VAL A 67 -16.54 -5.33 30.88
N PRO A 68 -17.39 -6.22 30.35
CA PRO A 68 -18.05 -7.27 31.13
C PRO A 68 -17.08 -8.08 31.99
N GLY A 69 -17.26 -8.02 33.31
CA GLY A 69 -16.44 -8.78 34.24
C GLY A 69 -15.40 -7.93 34.97
N PHE A 70 -15.10 -6.77 34.42
CA PHE A 70 -14.07 -5.91 34.99
C PHE A 70 -14.57 -5.23 36.26
N VAL A 71 -15.88 -4.99 36.33
CA VAL A 71 -16.47 -4.34 37.48
C VAL A 71 -16.53 -5.28 38.69
N ASP A 72 -16.49 -6.58 38.41
CA ASP A 72 -16.59 -7.60 39.47
C ASP A 72 -15.29 -7.74 40.25
N LEU A 73 -14.22 -7.15 39.74
CA LEU A 73 -12.93 -7.20 40.40
C LEU A 73 -12.84 -6.13 41.48
N THR A 74 -11.92 -6.31 42.43
CA THR A 74 -11.66 -5.29 43.42
C THR A 74 -11.03 -4.07 42.75
N LEU A 75 -11.08 -2.93 43.44
CA LEU A 75 -10.50 -1.70 42.92
C LEU A 75 -9.01 -1.87 42.65
N HIS A 76 -8.33 -2.57 43.55
CA HIS A 76 -6.89 -2.76 43.44
C HIS A 76 -6.52 -3.64 42.25
N ASP A 77 -7.37 -4.62 41.95
CA ASP A 77 -7.14 -5.48 40.80
C ASP A 77 -7.35 -4.70 39.51
N GLN A 78 -8.37 -3.85 39.49
CA GLN A 78 -8.62 -3.00 38.34
C GLN A 78 -7.42 -2.09 38.09
N VAL A 79 -6.87 -1.54 39.17
CA VAL A 79 -5.71 -0.65 39.08
C VAL A 79 -4.51 -1.38 38.50
N HIS A 80 -4.27 -2.59 38.99
CA HIS A 80 -3.16 -3.39 38.50
C HIS A 80 -3.28 -3.68 37.00
N LEU A 81 -4.48 -4.08 36.57
CA LEU A 81 -4.70 -4.42 35.18
C LEU A 81 -4.49 -3.23 34.26
N LEU A 82 -5.05 -2.08 34.65
CA LEU A 82 -4.97 -0.88 33.84
C LEU A 82 -3.55 -0.35 33.78
N GLU A 83 -2.83 -0.44 34.90
CA GLU A 83 -1.46 0.00 34.97
C GLU A 83 -0.56 -0.84 34.07
N CYS A 84 -0.90 -2.11 33.93
CA CYS A 84 -0.09 -3.04 33.18
C CYS A 84 -0.35 -2.97 31.67
N ALA A 85 -1.58 -2.61 31.28
CA ALA A 85 -2.00 -2.75 29.90
C ALA A 85 -2.34 -1.45 29.19
N TRP A 86 -2.23 -0.31 29.86
CA TRP A 86 -2.76 0.94 29.31
C TRP A 86 -2.09 1.33 27.99
N LEU A 87 -0.78 1.14 27.89
CA LEU A 87 -0.07 1.51 26.68
C LEU A 87 -0.38 0.52 25.55
N GLU A 88 -0.53 -0.76 25.88
CA GLU A 88 -0.96 -1.76 24.89
C GLU A 88 -2.31 -1.39 24.31
N ILE A 89 -3.26 -1.02 25.19
CA ILE A 89 -4.61 -0.66 24.76
C ILE A 89 -4.61 0.57 23.88
N LEU A 90 -3.80 1.57 24.24
CA LEU A 90 -3.64 2.75 23.41
C LEU A 90 -3.10 2.37 22.04
N MET A 91 -2.08 1.51 22.03
CA MET A 91 -1.41 1.16 20.79
C MET A 91 -2.30 0.32 19.87
N ILE A 92 -3.00 -0.66 20.41
CA ILE A 92 -3.87 -1.49 19.57
C ILE A 92 -5.03 -0.66 19.02
N GLY A 93 -5.41 0.39 19.74
CA GLY A 93 -6.41 1.31 19.25
C GLY A 93 -5.86 2.17 18.12
N LEU A 94 -4.63 2.63 18.29
CA LEU A 94 -3.95 3.43 17.27
C LEU A 94 -3.76 2.61 16.01
N VAL A 95 -3.36 1.35 16.18
CA VAL A 95 -3.15 0.44 15.06
C VAL A 95 -4.46 0.16 14.33
N TRP A 96 -5.53 -0.01 15.09
CA TRP A 96 -6.85 -0.33 14.53
C TRP A 96 -7.37 0.74 13.60
N ARG A 97 -7.32 2.00 14.03
CA ARG A 97 -7.86 3.09 13.22
C ARG A 97 -6.86 3.57 12.18
N SER A 98 -5.69 2.95 12.13
CA SER A 98 -4.69 3.27 11.11
C SER A 98 -4.71 2.24 10.00
N MET A 99 -5.63 1.28 10.10
CA MET A 99 -5.72 0.19 9.14
C MET A 99 -5.94 0.69 7.71
N GLU A 100 -6.87 1.61 7.54
CA GLU A 100 -7.21 2.10 6.21
C GLU A 100 -6.28 3.22 5.76
N HIS A 101 -5.10 3.30 6.37
CA HIS A 101 -4.11 4.30 5.98
C HIS A 101 -2.71 3.70 5.94
N PRO A 102 -2.43 2.89 4.90
CA PRO A 102 -1.14 2.21 4.77
C PRO A 102 0.03 3.19 4.76
N GLY A 103 1.07 2.88 5.53
CA GLY A 103 2.25 3.71 5.59
C GLY A 103 2.09 4.91 6.50
N LYS A 104 0.93 5.00 7.14
CA LYS A 104 0.61 6.14 7.99
C LYS A 104 -0.05 5.71 9.30
N LEU A 105 0.18 6.49 10.36
CA LEU A 105 -0.47 6.24 11.64
C LEU A 105 -1.49 7.34 11.95
N LEU A 106 -2.75 6.95 12.11
CA LEU A 106 -3.82 7.90 12.40
C LEU A 106 -3.95 8.12 13.90
N PHE A 107 -3.13 9.01 14.45
CA PHE A 107 -3.22 9.35 15.86
C PHE A 107 -4.53 10.07 16.12
N ALA A 108 -4.95 10.86 15.14
CA ALA A 108 -6.20 11.61 15.20
C ALA A 108 -6.61 11.92 13.76
N PRO A 109 -7.91 12.18 13.52
CA PRO A 109 -8.36 12.51 12.17
C PRO A 109 -7.64 13.71 11.55
N ASN A 110 -7.17 14.62 12.41
CA ASN A 110 -6.43 15.79 11.93
C ASN A 110 -4.94 15.63 12.18
N LEU A 111 -4.51 14.39 12.43
CA LEU A 111 -3.12 14.09 12.70
C LEU A 111 -2.73 12.72 12.14
N LEU A 112 -2.71 12.64 10.81
CA LEU A 112 -2.26 11.44 10.11
C LEU A 112 -0.78 11.58 9.77
N LEU A 113 0.05 10.72 10.36
CA LEU A 113 1.50 10.94 10.34
C LEU A 113 2.33 9.98 9.50
N ASP A 114 3.49 10.49 9.10
CA ASP A 114 4.47 9.78 8.30
C ASP A 114 5.49 9.08 9.19
N ARG A 115 6.18 8.10 8.63
CA ARG A 115 7.32 7.52 9.32
C ARG A 115 8.55 8.39 9.06
N ASN A 116 8.37 9.34 8.16
CA ASN A 116 9.32 10.37 7.94
C ASN A 116 9.48 11.22 9.14
N GLN A 117 8.37 11.48 9.80
CA GLN A 117 8.36 12.57 10.72
C GLN A 117 8.94 12.05 12.00
N VAL A 121 12.00 11.77 14.67
CA VAL A 121 11.94 12.32 16.02
C VAL A 121 12.16 11.30 17.17
N GLU A 122 13.26 10.56 17.08
CA GLU A 122 13.34 9.19 17.55
C GLU A 122 13.80 8.99 19.00
N GLY A 123 14.01 7.72 19.36
CA GLY A 123 13.02 6.91 20.05
C GLY A 123 12.09 6.14 19.14
N MET A 124 11.55 6.85 18.20
CA MET A 124 10.21 6.60 17.70
C MET A 124 10.16 5.73 16.45
N VAL A 125 11.11 5.92 15.55
CA VAL A 125 11.07 5.26 14.23
C VAL A 125 10.95 3.75 14.35
N GLU A 126 11.63 3.18 15.33
CA GLU A 126 11.54 1.74 15.58
C GLU A 126 10.11 1.39 15.95
N ILE A 127 9.55 2.09 16.92
CA ILE A 127 8.17 1.86 17.35
C ILE A 127 7.18 2.20 16.24
N PHE A 128 7.46 3.27 15.51
CA PHE A 128 6.61 3.70 14.40
C PHE A 128 6.45 2.58 13.37
N ASP A 129 7.57 2.01 12.93
CA ASP A 129 7.55 0.95 11.93
C ASP A 129 6.90 -0.32 12.45
N MET A 130 7.08 -0.59 13.74
CA MET A 130 6.43 -1.74 14.36
C MET A 130 4.92 -1.54 14.39
N LEU A 131 4.49 -0.32 14.70
CA LEU A 131 3.07 0.00 14.71
C LEU A 131 2.50 -0.11 13.30
N LEU A 132 3.27 0.37 12.32
CA LEU A 132 2.87 0.24 10.92
C LEU A 132 2.79 -1.23 10.51
N ALA A 133 3.73 -2.03 11.00
CA ALA A 133 3.77 -3.46 10.68
C ALA A 133 2.54 -4.16 11.24
N THR A 134 2.15 -3.81 12.46
CA THR A 134 0.96 -4.37 13.08
C THR A 134 -0.27 -3.99 12.27
N SER A 135 -0.36 -2.71 11.91
CA SER A 135 -1.46 -2.21 11.12
C SER A 135 -1.56 -2.94 9.79
N SER A 136 -0.41 -3.25 9.20
CA SER A 136 -0.36 -3.98 7.94
C SER A 136 -0.83 -5.42 8.14
N ARG A 137 -0.48 -6.01 9.28
CA ARG A 137 -0.88 -7.38 9.59
C ARG A 137 -2.39 -7.48 9.77
N PHE A 138 -2.97 -6.51 10.47
CA PHE A 138 -4.42 -6.44 10.65
C PHE A 138 -5.14 -6.32 9.31
N ARG A 139 -4.63 -5.44 8.46
CA ARG A 139 -5.19 -5.22 7.14
C ARG A 139 -5.10 -6.48 6.29
N MET A 140 -3.98 -7.21 6.43
CA MET A 140 -3.79 -8.45 5.69
C MET A 140 -4.78 -9.52 6.16
N MET A 141 -5.14 -9.46 7.44
CA MET A 141 -6.07 -10.43 8.00
C MET A 141 -7.52 -10.00 7.85
N ASN A 142 -7.72 -8.79 7.30
CA ASN A 142 -9.04 -8.17 7.26
C ASN A 142 -9.72 -8.23 8.63
N LEU A 143 -9.05 -7.66 9.63
CA LEU A 143 -9.54 -7.68 11.00
C LEU A 143 -10.87 -6.93 11.13
N GLN A 144 -11.88 -7.61 11.67
CA GLN A 144 -13.20 -7.01 11.82
C GLN A 144 -13.32 -6.25 13.13
N GLY A 145 -14.26 -5.30 13.18
CA GLY A 145 -14.48 -4.50 14.36
C GLY A 145 -14.86 -5.34 15.57
N GLU A 146 -15.68 -6.36 15.35
CA GLU A 146 -16.10 -7.23 16.43
C GLU A 146 -14.92 -8.03 16.98
N GLU A 147 -13.95 -8.31 16.13
CA GLU A 147 -12.75 -9.04 16.55
C GLU A 147 -11.78 -8.13 17.30
N PHE A 148 -11.73 -6.87 16.88
CA PHE A 148 -10.86 -5.89 17.50
C PHE A 148 -11.24 -5.64 18.96
N VAL A 149 -12.53 -5.41 19.21
CA VAL A 149 -12.98 -5.10 20.56
C VAL A 149 -12.76 -6.29 21.49
N CYS A 150 -12.78 -7.50 20.94
CA CYS A 150 -12.48 -8.69 21.73
C CYS A 150 -11.01 -8.73 22.13
N LEU A 151 -10.14 -8.46 21.16
CA LEU A 151 -8.70 -8.45 21.41
C LEU A 151 -8.32 -7.39 22.44
N LYS A 152 -8.95 -6.22 22.34
CA LYS A 152 -8.64 -5.11 23.23
C LYS A 152 -8.99 -5.46 24.67
N SER A 153 -10.17 -6.06 24.86
CA SER A 153 -10.60 -6.50 26.18
C SER A 153 -9.70 -7.59 26.73
N ILE A 154 -9.29 -8.51 25.86
CA ILE A 154 -8.37 -9.57 26.25
C ILE A 154 -7.07 -8.99 26.82
N ILE A 155 -6.51 -7.99 26.13
CA ILE A 155 -5.31 -7.31 26.60
C ILE A 155 -5.52 -6.77 28.02
N LEU A 156 -6.67 -6.16 28.25
CA LEU A 156 -7.00 -5.59 29.54
C LEU A 156 -6.98 -6.63 30.67
N LEU A 157 -7.52 -7.81 30.39
CA LEU A 157 -7.66 -8.84 31.43
C LEU A 157 -6.46 -9.78 31.51
N ASN A 158 -5.72 -9.92 30.42
CA ASN A 158 -4.65 -10.91 30.37
C ASN A 158 -3.29 -10.35 30.76
N SER A 159 -3.01 -9.13 30.36
CA SER A 159 -1.67 -8.55 30.49
C SER A 159 -1.13 -8.56 31.92
N GLY A 160 -2.00 -8.30 32.89
CA GLY A 160 -1.55 -8.24 34.27
C GLY A 160 -2.05 -9.35 35.18
N VAL A 161 -2.55 -10.44 34.59
CA VAL A 161 -3.15 -11.51 35.37
C VAL A 161 -2.10 -12.44 35.97
N TYR A 162 -0.90 -12.43 35.39
CA TYR A 162 0.19 -13.31 35.84
C TYR A 162 1.05 -12.61 36.88
N THR A 163 0.67 -11.39 37.24
CA THR A 163 1.43 -10.60 38.21
C THR A 163 0.60 -10.27 39.44
N PHE A 164 -0.35 -11.16 39.76
CA PHE A 164 -1.12 -11.04 40.99
C PHE A 164 -0.48 -11.84 42.12
N LYS A 175 -8.02 -14.70 40.13
CA LYS A 175 -7.38 -15.38 39.01
C LYS A 175 -8.38 -16.24 38.24
N ASP A 176 -9.21 -16.98 38.97
CA ASP A 176 -10.19 -17.86 38.34
C ASP A 176 -11.25 -17.08 37.58
N HIS A 177 -11.68 -15.96 38.15
CA HIS A 177 -12.71 -15.12 37.54
C HIS A 177 -12.26 -14.56 36.20
N ILE A 178 -11.09 -13.93 36.20
CA ILE A 178 -10.52 -13.32 35.01
C ILE A 178 -10.32 -14.36 33.90
N HIS A 179 -9.75 -15.51 34.25
CA HIS A 179 -9.51 -16.57 33.27
C HIS A 179 -10.80 -17.11 32.67
N ARG A 180 -11.87 -17.10 33.46
CA ARG A 180 -13.17 -17.54 32.97
C ARG A 180 -13.79 -16.52 32.03
N VAL A 181 -13.56 -15.24 32.30
CA VAL A 181 -14.03 -14.18 31.41
C VAL A 181 -13.27 -14.24 30.09
N LEU A 182 -11.96 -14.50 30.19
CA LEU A 182 -11.12 -14.66 29.00
C LEU A 182 -11.60 -15.82 28.16
N ASP A 183 -11.97 -16.92 28.82
CA ASP A 183 -12.54 -18.07 28.12
C ASP A 183 -13.81 -17.65 27.39
N LYS A 184 -14.60 -16.79 28.01
CA LYS A 184 -15.85 -16.30 27.43
C LYS A 184 -15.59 -15.51 26.16
N ILE A 185 -14.56 -14.68 26.17
CA ILE A 185 -14.19 -13.89 25.00
C ILE A 185 -13.66 -14.80 23.88
N THR A 186 -12.92 -15.85 24.27
CA THR A 186 -12.46 -16.85 23.32
C THR A 186 -13.64 -17.49 22.59
N ASP A 187 -14.68 -17.81 23.36
CA ASP A 187 -15.89 -18.37 22.78
C ASP A 187 -16.54 -17.35 21.83
N THR A 188 -16.50 -16.08 22.24
CA THR A 188 -17.07 -15.01 21.43
C THR A 188 -16.33 -14.84 20.11
N LEU A 189 -15.00 -14.93 20.15
CA LEU A 189 -14.18 -14.84 18.94
C LEU A 189 -14.50 -15.96 17.97
N ILE A 190 -14.58 -17.18 18.48
CA ILE A 190 -14.95 -18.33 17.67
C ILE A 190 -16.36 -18.17 17.10
N HIS A 191 -17.26 -17.67 17.93
CA HIS A 191 -18.64 -17.37 17.52
C HIS A 191 -18.68 -16.43 16.32
N LEU A 192 -17.83 -15.41 16.35
CA LEU A 192 -17.76 -14.44 15.26
C LEU A 192 -17.24 -15.09 13.98
N MET A 193 -16.21 -15.91 14.11
CA MET A 193 -15.61 -16.58 12.95
C MET A 193 -16.57 -17.60 12.34
N ALA A 194 -17.33 -18.28 13.19
CA ALA A 194 -18.32 -19.25 12.72
C ALA A 194 -19.44 -18.53 11.97
N LYS A 195 -19.83 -17.36 12.47
CA LYS A 195 -20.85 -16.55 11.83
C LYS A 195 -20.35 -16.03 10.47
N ALA A 196 -19.05 -15.74 10.40
CA ALA A 196 -18.44 -15.24 9.18
C ALA A 196 -18.37 -16.34 8.11
N GLY A 197 -18.56 -17.59 8.53
CA GLY A 197 -18.61 -18.71 7.60
C GLY A 197 -17.31 -19.46 7.47
N LEU A 198 -16.40 -19.25 8.41
CA LEU A 198 -15.12 -19.94 8.39
C LEU A 198 -15.28 -21.39 8.82
N THR A 199 -14.44 -22.26 8.25
CA THR A 199 -14.46 -23.67 8.60
C THR A 199 -13.85 -23.89 9.97
N LEU A 200 -13.96 -25.12 10.48
CA LEU A 200 -13.44 -25.45 11.80
C LEU A 200 -11.94 -25.23 11.87
N GLN A 201 -11.23 -25.58 10.80
CA GLN A 201 -9.79 -25.42 10.75
C GLN A 201 -9.41 -23.94 10.68
N GLN A 202 -10.16 -23.19 9.89
CA GLN A 202 -9.89 -21.76 9.73
C GLN A 202 -10.13 -20.99 11.03
N GLN A 203 -11.04 -21.49 11.85
CA GLN A 203 -11.39 -20.82 13.11
C GLN A 203 -10.23 -20.82 14.10
N HIS A 204 -9.68 -22.00 14.40
CA HIS A 204 -8.62 -22.07 15.40
C HIS A 204 -7.29 -21.56 14.82
N GLN A 205 -7.17 -21.57 13.50
CA GLN A 205 -6.00 -20.98 12.85
C GLN A 205 -6.04 -19.46 12.96
N ARG A 206 -7.20 -18.87 12.66
CA ARG A 206 -7.34 -17.43 12.76
C ARG A 206 -7.27 -16.98 14.22
N LEU A 207 -7.85 -17.76 15.12
CA LEU A 207 -7.79 -17.47 16.55
C LEU A 207 -6.33 -17.41 17.00
N ALA A 208 -5.52 -18.33 16.49
CA ALA A 208 -4.09 -18.35 16.79
C ALA A 208 -3.40 -17.11 16.24
N GLN A 209 -3.68 -16.78 14.98
CA GLN A 209 -3.02 -15.66 14.32
C GLN A 209 -3.30 -14.35 15.05
N LEU A 210 -4.51 -14.21 15.58
CA LEU A 210 -4.89 -13.00 16.31
C LEU A 210 -4.16 -12.88 17.65
N LEU A 211 -4.18 -13.95 18.43
CA LEU A 211 -3.62 -13.92 19.77
C LEU A 211 -2.09 -13.81 19.77
N LEU A 212 -1.46 -14.33 18.71
CA LEU A 212 -0.01 -14.20 18.55
C LEU A 212 0.42 -12.75 18.34
N ILE A 213 -0.49 -11.94 17.80
CA ILE A 213 -0.20 -10.53 17.55
C ILE A 213 -0.06 -9.76 18.86
N LEU A 214 -0.78 -10.21 19.89
CA LEU A 214 -0.72 -9.58 21.22
C LEU A 214 0.69 -9.66 21.80
N SER A 215 1.43 -10.68 21.42
CA SER A 215 2.81 -10.83 21.86
C SER A 215 3.66 -9.67 21.32
N HIS A 216 3.40 -9.29 20.07
CA HIS A 216 4.09 -8.17 19.45
C HIS A 216 3.66 -6.85 20.08
N ILE A 217 2.35 -6.72 20.30
CA ILE A 217 1.81 -5.51 20.93
C ILE A 217 2.41 -5.31 22.33
N ARG A 218 2.61 -6.42 23.04
CA ARG A 218 3.30 -6.38 24.33
C ARG A 218 4.72 -5.85 24.18
N HIS A 219 5.41 -6.33 23.15
CA HIS A 219 6.78 -5.90 22.86
C HIS A 219 6.84 -4.41 22.56
N MET A 220 5.87 -3.93 21.78
CA MET A 220 5.85 -2.52 21.41
C MET A 220 5.62 -1.64 22.63
N SER A 221 4.74 -2.09 23.52
CA SER A 221 4.45 -1.34 24.74
C SER A 221 5.69 -1.18 25.60
N ASN A 222 6.42 -2.27 25.79
CA ASN A 222 7.63 -2.23 26.61
C ASN A 222 8.68 -1.28 26.02
N LYS A 223 8.79 -1.26 24.69
CA LYS A 223 9.71 -0.35 24.01
C LYS A 223 9.21 1.09 24.14
N GLY A 224 7.88 1.25 24.11
CA GLY A 224 7.29 2.56 24.23
C GLY A 224 7.36 3.10 25.64
N MET A 225 7.29 2.20 26.61
CA MET A 225 7.38 2.58 28.02
C MET A 225 8.78 3.06 28.36
N GLU A 226 9.79 2.37 27.84
CA GLU A 226 11.19 2.74 28.09
C GLU A 226 11.49 4.11 27.51
N HIS A 227 10.96 4.38 26.33
CA HIS A 227 11.12 5.67 25.67
C HIS A 227 10.45 6.77 26.47
N LEU A 228 9.31 6.43 27.06
CA LEU A 228 8.54 7.37 27.86
C LEU A 228 9.29 7.74 29.13
N TYR A 229 10.13 6.83 29.61
CA TYR A 229 10.94 7.07 30.80
C TYR A 229 12.04 8.08 30.51
N SER A 230 12.58 8.01 29.30
CA SER A 230 13.64 8.92 28.91
C SER A 230 13.09 10.31 28.63
N MET A 231 11.83 10.38 28.19
CA MET A 231 11.18 11.66 27.97
C MET A 231 10.95 12.37 29.30
N LYS A 232 10.63 11.59 30.32
CA LYS A 232 10.48 12.14 31.66
C LYS A 232 11.83 12.63 32.19
N CYS A 233 12.87 11.84 31.99
CA CYS A 233 14.21 12.19 32.44
C CYS A 233 14.79 13.35 31.64
N LYS A 234 14.29 13.55 30.42
CA LYS A 234 14.71 14.66 29.59
C LYS A 234 14.08 15.95 30.10
N ASN A 235 12.92 15.81 30.74
CA ASN A 235 12.23 16.91 31.39
C ASN A 235 11.88 18.06 30.45
N VAL A 236 11.67 17.74 29.17
CA VAL A 236 11.30 18.73 28.18
C VAL A 236 9.82 18.63 27.82
N VAL A 237 9.36 17.41 27.54
CA VAL A 237 7.97 17.20 27.15
C VAL A 237 7.05 17.22 28.37
N PRO A 238 6.04 18.10 28.34
CA PRO A 238 5.06 18.19 29.44
C PRO A 238 4.20 16.94 29.57
N LEU A 239 4.43 16.16 30.62
CA LEU A 239 3.65 14.95 30.88
C LEU A 239 2.67 15.17 32.02
N SER A 240 1.42 14.76 31.84
CA SER A 240 0.40 14.91 32.88
C SER A 240 0.70 13.97 34.04
N ASP A 241 0.24 14.36 35.23
CA ASP A 241 0.47 13.56 36.43
C ASP A 241 -0.10 12.15 36.30
N LEU A 242 -1.22 12.03 35.60
CA LEU A 242 -1.83 10.72 35.35
C LEU A 242 -0.90 9.87 34.50
N LEU A 243 -0.43 10.45 33.41
CA LEU A 243 0.48 9.77 32.50
C LEU A 243 1.79 9.43 33.21
N LEU A 244 2.16 10.24 34.20
CA LEU A 244 3.38 9.99 34.98
C LEU A 244 3.16 8.87 36.00
N GLU A 245 1.97 8.83 36.59
CA GLU A 245 1.66 7.79 37.57
C GLU A 245 1.56 6.43 36.91
N MET A 246 1.01 6.39 35.70
CA MET A 246 0.90 5.14 34.94
C MET A 246 2.28 4.68 34.51
N LEU A 247 3.19 5.65 34.36
CA LEU A 247 4.56 5.37 33.95
C LEU A 247 5.38 4.85 35.14
N ASP A 248 5.08 5.35 36.33
CA ASP A 248 5.77 4.91 37.55
C ASP A 248 5.46 3.45 37.89
N ALA A 249 4.28 3.00 37.49
CA ALA A 249 3.84 1.65 37.81
C ALA A 249 4.70 0.59 37.15
N HIS A 250 5.29 0.94 36.02
CA HIS A 250 6.18 0.04 35.29
C HIS A 250 7.63 0.14 35.77
N ARG A 251 7.87 1.01 36.75
CA ARG A 251 9.20 1.17 37.30
C ARG A 251 9.23 0.82 38.78
N SER B 8 9.43 -27.63 0.54
CA SER B 8 9.45 -27.69 2.00
C SER B 8 8.73 -28.94 2.51
N LEU B 9 9.35 -29.61 3.48
CA LEU B 9 8.80 -30.84 4.03
C LEU B 9 8.01 -30.57 5.30
N ALA B 10 8.09 -29.34 5.79
CA ALA B 10 7.38 -28.95 7.01
C ALA B 10 5.88 -28.91 6.77
N LEU B 11 5.50 -28.60 5.54
CA LEU B 11 4.09 -28.49 5.18
C LEU B 11 3.50 -29.86 4.86
N SER B 12 4.35 -30.89 4.86
CA SER B 12 3.92 -32.23 4.49
C SER B 12 3.92 -33.18 5.69
N LEU B 13 4.28 -32.66 6.86
CA LEU B 13 4.31 -33.47 8.07
C LEU B 13 2.94 -33.52 8.73
N THR B 14 2.51 -34.72 9.11
CA THR B 14 1.26 -34.88 9.85
C THR B 14 1.43 -34.30 11.25
N ALA B 15 0.32 -34.23 11.99
CA ALA B 15 0.37 -33.72 13.35
C ALA B 15 1.29 -34.57 14.22
N ASP B 16 1.12 -35.88 14.15
CA ASP B 16 1.96 -36.81 14.92
C ASP B 16 3.42 -36.74 14.50
N GLN B 17 3.66 -36.63 13.21
CA GLN B 17 5.01 -36.49 12.68
C GLN B 17 5.64 -35.17 13.09
N MET B 18 4.81 -34.14 13.22
CA MET B 18 5.28 -32.84 13.67
C MET B 18 5.74 -32.91 15.12
N VAL B 19 4.96 -33.61 15.94
CA VAL B 19 5.27 -33.76 17.36
C VAL B 19 6.59 -34.51 17.58
N SER B 20 6.73 -35.64 16.90
CA SER B 20 7.93 -36.47 17.02
C SER B 20 9.19 -35.72 16.59
N ALA B 21 9.06 -34.91 15.55
CA ALA B 21 10.18 -34.13 15.06
C ALA B 21 10.65 -33.14 16.13
N LEU B 22 9.69 -32.54 16.83
CA LEU B 22 10.00 -31.55 17.85
C LEU B 22 10.56 -32.18 19.11
N LEU B 23 9.97 -33.30 19.52
CA LEU B 23 10.44 -34.02 20.70
C LEU B 23 11.86 -34.54 20.48
N ASP B 24 12.17 -34.95 19.25
CA ASP B 24 13.49 -35.48 18.94
C ASP B 24 14.55 -34.39 18.99
N ALA B 25 14.15 -33.16 18.65
CA ALA B 25 15.09 -32.06 18.52
C ALA B 25 15.38 -31.40 19.87
N GLU B 26 14.68 -31.85 20.91
CA GLU B 26 14.78 -31.24 22.23
C GLU B 26 16.22 -31.15 22.74
N PRO B 27 16.63 -29.94 23.14
CA PRO B 27 17.95 -29.73 23.73
C PRO B 27 18.11 -30.46 25.05
N PRO B 28 19.34 -30.76 25.45
CA PRO B 28 19.58 -31.45 26.72
C PRO B 28 19.52 -30.52 27.91
N ILE B 29 19.28 -31.07 29.10
CA ILE B 29 19.35 -30.29 30.33
C ILE B 29 20.79 -30.24 30.81
N LEU B 30 21.35 -29.04 30.85
CA LEU B 30 22.75 -28.86 31.21
C LEU B 30 22.93 -28.68 32.71
N TYR B 31 24.13 -28.96 33.21
CA TYR B 31 24.43 -28.77 34.62
C TYR B 31 25.19 -27.48 34.84
N SER B 32 25.00 -26.90 36.02
CA SER B 32 25.72 -25.69 36.41
C SER B 32 27.02 -26.05 37.10
N GLU B 33 27.95 -25.10 37.15
CA GLU B 33 29.19 -25.29 37.89
C GLU B 33 29.02 -24.77 39.30
N TYR B 34 27.77 -24.75 39.75
CA TYR B 34 27.42 -24.33 41.10
C TYR B 34 27.89 -25.35 42.13
N ASP B 35 28.45 -24.85 43.22
CA ASP B 35 28.98 -25.70 44.28
C ASP B 35 28.43 -25.28 45.64
N PRO B 36 27.56 -26.12 46.22
CA PRO B 36 26.84 -25.83 47.47
C PRO B 36 27.75 -25.61 48.68
N THR B 37 29.02 -25.98 48.55
CA THR B 37 29.99 -25.68 49.60
C THR B 37 30.47 -24.23 49.46
N ARG B 38 31.05 -23.93 48.31
CA ARG B 38 31.53 -22.61 47.96
C ARG B 38 30.45 -21.54 48.15
N PRO B 39 30.81 -20.42 48.80
CA PRO B 39 29.86 -19.32 49.00
C PRO B 39 29.56 -18.60 47.69
N PHE B 40 28.45 -17.86 47.65
CA PHE B 40 28.04 -17.19 46.44
C PHE B 40 27.67 -15.73 46.67
N SER B 41 28.41 -14.83 46.05
CA SER B 41 28.01 -13.43 45.98
C SER B 41 26.88 -13.31 44.97
N GLU B 42 26.17 -12.19 45.00
CA GLU B 42 25.08 -11.97 44.04
C GLU B 42 25.62 -11.93 42.61
N ALA B 43 26.90 -11.61 42.47
CA ALA B 43 27.52 -11.52 41.15
C ALA B 43 28.05 -12.88 40.69
N SER B 44 28.49 -13.70 41.64
CA SER B 44 28.98 -15.03 41.32
C SER B 44 27.82 -15.95 40.97
N MET B 45 26.71 -15.78 41.67
CA MET B 45 25.49 -16.53 41.40
C MET B 45 24.95 -16.14 40.03
N MET B 46 24.96 -14.84 39.75
CA MET B 46 24.53 -14.34 38.46
C MET B 46 25.45 -14.83 37.36
N GLY B 47 26.73 -14.97 37.69
CA GLY B 47 27.71 -15.47 36.75
C GLY B 47 27.44 -16.91 36.37
N LEU B 48 26.95 -17.69 37.32
CA LEU B 48 26.59 -19.08 37.06
C LEU B 48 25.45 -19.16 36.04
N LEU B 49 24.46 -18.29 36.21
CA LEU B 49 23.28 -18.30 35.37
C LEU B 49 23.60 -17.83 33.96
N THR B 50 24.38 -16.76 33.84
CA THR B 50 24.76 -16.24 32.53
C THR B 50 25.66 -17.22 31.79
N ASN B 51 26.54 -17.88 32.53
CA ASN B 51 27.35 -18.94 31.95
C ASN B 51 26.48 -20.09 31.47
N LEU B 52 25.48 -20.43 32.28
CA LEU B 52 24.53 -21.48 31.94
C LEU B 52 23.70 -21.09 30.71
N ALA B 53 23.30 -19.83 30.66
CA ALA B 53 22.51 -19.33 29.53
C ALA B 53 23.33 -19.38 28.24
N ASP B 54 24.61 -19.09 28.37
CA ASP B 54 25.51 -19.11 27.22
C ASP B 54 25.61 -20.51 26.60
N ARG B 55 25.79 -21.53 27.44
CA ARG B 55 25.92 -22.89 26.95
C ARG B 55 24.61 -23.41 26.37
N GLU B 56 23.50 -22.97 26.95
CA GLU B 56 22.18 -23.36 26.44
C GLU B 56 21.91 -22.76 25.07
N LEU B 57 22.39 -21.54 24.85
CA LEU B 57 22.21 -20.86 23.57
C LEU B 57 22.76 -21.67 22.41
N VAL B 58 23.94 -22.24 22.60
CA VAL B 58 24.58 -23.06 21.56
C VAL B 58 23.71 -24.25 21.21
N HIS B 59 23.10 -24.87 22.22
CA HIS B 59 22.23 -26.02 21.98
C HIS B 59 20.92 -25.56 21.34
N MET B 60 20.49 -24.36 21.70
CA MET B 60 19.28 -23.77 21.13
C MET B 60 19.41 -23.56 19.63
N ILE B 61 20.56 -23.03 19.22
CA ILE B 61 20.83 -22.74 17.82
C ILE B 61 20.75 -24.00 16.97
N ASN B 62 21.34 -25.08 17.47
CA ASN B 62 21.30 -26.34 16.76
C ASN B 62 19.93 -27.00 16.88
N TRP B 63 19.17 -26.60 17.89
CA TRP B 63 17.80 -27.04 18.02
C TRP B 63 16.92 -26.34 16.98
N ALA B 64 17.17 -25.05 16.77
CA ALA B 64 16.40 -24.26 15.83
C ALA B 64 16.48 -24.84 14.42
N LYS B 65 17.66 -25.35 14.07
CA LYS B 65 17.88 -25.95 12.76
C LYS B 65 16.95 -27.13 12.51
N ARG B 66 16.61 -27.84 13.57
CA ARG B 66 15.80 -29.05 13.43
C ARG B 66 14.31 -28.74 13.51
N VAL B 67 13.97 -27.50 13.84
CA VAL B 67 12.58 -27.07 13.84
C VAL B 67 12.05 -27.00 12.42
N PRO B 68 10.99 -27.76 12.13
CA PRO B 68 10.40 -27.85 10.78
C PRO B 68 10.06 -26.48 10.22
N GLY B 69 10.63 -26.16 9.06
CA GLY B 69 10.35 -24.90 8.38
C GLY B 69 11.44 -23.87 8.56
N PHE B 70 12.23 -24.02 9.62
CA PHE B 70 13.24 -23.03 9.97
C PHE B 70 14.41 -23.01 8.97
N VAL B 71 14.84 -24.19 8.55
CA VAL B 71 16.00 -24.30 7.65
C VAL B 71 15.63 -23.90 6.22
N ASP B 72 14.34 -23.79 5.94
CA ASP B 72 13.88 -23.35 4.62
C ASP B 72 14.06 -21.85 4.47
N LEU B 73 14.12 -21.14 5.58
CA LEU B 73 14.30 -19.69 5.56
C LEU B 73 15.72 -19.32 5.16
N THR B 74 15.92 -18.07 4.76
CA THR B 74 17.25 -17.59 4.45
C THR B 74 18.07 -17.50 5.72
N LEU B 75 19.39 -17.50 5.57
CA LEU B 75 20.29 -17.43 6.72
C LEU B 75 20.06 -16.14 7.51
N HIS B 76 19.76 -15.05 6.80
CA HIS B 76 19.51 -13.77 7.43
C HIS B 76 18.26 -13.81 8.30
N ASP B 77 17.20 -14.45 7.79
CA ASP B 77 15.94 -14.55 8.51
C ASP B 77 16.08 -15.41 9.76
N GLN B 78 16.91 -16.44 9.68
CA GLN B 78 17.15 -17.31 10.83
C GLN B 78 17.84 -16.54 11.96
N VAL B 79 18.82 -15.72 11.59
CA VAL B 79 19.54 -14.90 12.55
C VAL B 79 18.60 -13.92 13.25
N HIS B 80 17.71 -13.33 12.46
CA HIS B 80 16.76 -12.35 12.98
C HIS B 80 15.82 -12.97 14.01
N LEU B 81 15.22 -14.10 13.65
CA LEU B 81 14.28 -14.78 14.53
C LEU B 81 14.93 -15.21 15.84
N LEU B 82 16.16 -15.72 15.75
CA LEU B 82 16.89 -16.17 16.93
C LEU B 82 17.33 -14.99 17.80
N GLU B 83 17.76 -13.90 17.17
CA GLU B 83 18.16 -12.72 17.91
C GLU B 83 16.99 -12.12 18.67
N CYS B 84 15.78 -12.36 18.17
CA CYS B 84 14.58 -11.80 18.77
C CYS B 84 14.03 -12.67 19.90
N ALA B 85 14.08 -13.99 19.74
CA ALA B 85 13.37 -14.88 20.64
C ALA B 85 14.25 -15.69 21.59
N TRP B 86 15.55 -15.43 21.61
CA TRP B 86 16.48 -16.31 22.33
C TRP B 86 16.24 -16.31 23.84
N LEU B 87 15.90 -15.16 24.42
CA LEU B 87 15.67 -15.11 25.85
C LEU B 87 14.30 -15.67 26.20
N GLU B 88 13.33 -15.48 25.30
CA GLU B 88 12.00 -16.08 25.46
C GLU B 88 12.08 -17.59 25.51
N ILE B 89 12.83 -18.17 24.59
CA ILE B 89 12.99 -19.61 24.49
C ILE B 89 13.72 -20.16 25.73
N LEU B 90 14.71 -19.44 26.22
CA LEU B 90 15.38 -19.83 27.44
C LEU B 90 14.40 -19.86 28.61
N MET B 91 13.63 -18.79 28.73
CA MET B 91 12.73 -18.65 29.87
C MET B 91 11.62 -19.70 29.89
N ILE B 92 11.02 -19.97 28.74
CA ILE B 92 9.95 -20.96 28.70
C ILE B 92 10.50 -22.36 28.96
N GLY B 93 11.77 -22.56 28.62
CA GLY B 93 12.44 -23.81 28.93
C GLY B 93 12.66 -23.93 30.42
N LEU B 94 13.09 -22.84 31.04
CA LEU B 94 13.30 -22.80 32.48
C LEU B 94 12.00 -23.03 33.23
N VAL B 95 10.96 -22.35 32.79
CA VAL B 95 9.63 -22.45 33.39
C VAL B 95 9.10 -23.88 33.29
N TRP B 96 9.30 -24.50 32.14
CA TRP B 96 8.82 -25.86 31.89
C TRP B 96 9.41 -26.89 32.86
N ARG B 97 10.72 -26.85 33.03
CA ARG B 97 11.38 -27.85 33.87
C ARG B 97 11.27 -27.49 35.36
N SER B 98 10.56 -26.40 35.65
CA SER B 98 10.35 -25.99 37.03
C SER B 98 8.92 -26.28 37.48
N MET B 99 8.14 -26.89 36.58
CA MET B 99 6.74 -27.19 36.86
C MET B 99 6.52 -28.04 38.11
N GLU B 100 7.36 -29.05 38.29
CA GLU B 100 7.19 -29.98 39.40
C GLU B 100 7.96 -29.56 40.65
N HIS B 101 8.44 -28.32 40.65
CA HIS B 101 9.11 -27.77 41.82
C HIS B 101 8.49 -26.44 42.22
N PRO B 102 7.31 -26.50 42.88
CA PRO B 102 6.53 -25.32 43.26
C PRO B 102 7.34 -24.32 44.09
N GLY B 103 7.27 -23.05 43.71
CA GLY B 103 7.98 -22.00 44.42
C GLY B 103 9.47 -22.00 44.15
N LYS B 104 9.91 -22.83 43.21
CA LYS B 104 11.32 -22.92 42.88
C LYS B 104 11.58 -22.93 41.38
N LEU B 105 12.76 -22.44 40.98
CA LEU B 105 13.18 -22.45 39.59
C LEU B 105 14.37 -23.40 39.39
N LEU B 106 14.17 -24.41 38.55
CA LEU B 106 15.22 -25.39 38.28
C LEU B 106 16.10 -24.94 37.12
N PHE B 107 17.08 -24.08 37.40
CA PHE B 107 18.00 -23.63 36.37
C PHE B 107 18.85 -24.79 35.89
N ALA B 108 19.15 -25.69 36.81
CA ALA B 108 19.93 -26.89 36.53
C ALA B 108 19.59 -27.94 37.59
N PRO B 109 19.76 -29.22 37.25
CA PRO B 109 19.48 -30.31 38.20
C PRO B 109 20.20 -30.14 39.54
N ASN B 110 21.32 -29.42 39.53
CA ASN B 110 22.07 -29.17 40.76
C ASN B 110 21.92 -27.73 41.24
N LEU B 111 21.05 -26.99 40.57
CA LEU B 111 20.80 -25.59 40.91
C LEU B 111 19.31 -25.29 40.97
N LEU B 112 18.72 -25.52 42.14
CA LEU B 112 17.30 -25.28 42.35
C LEU B 112 17.10 -24.14 43.34
N LEU B 113 16.70 -22.98 42.84
CA LEU B 113 16.61 -21.79 43.67
C LEU B 113 15.17 -21.36 43.97
N ASP B 114 14.98 -20.71 45.12
CA ASP B 114 13.72 -20.05 45.42
C ASP B 114 13.90 -18.53 45.26
N ARG B 115 12.85 -17.78 45.51
CA ARG B 115 12.87 -16.34 45.26
C ARG B 115 13.79 -15.61 46.23
N ASN B 116 14.05 -16.20 47.39
CA ASN B 116 14.86 -15.57 48.42
C ASN B 116 16.35 -15.69 48.13
N GLN B 117 16.73 -16.72 47.40
CA GLN B 117 18.14 -16.94 47.06
C GLN B 117 18.51 -16.25 45.75
N VAL B 121 18.45 -12.64 43.58
CA VAL B 121 18.80 -11.80 44.73
C VAL B 121 18.43 -10.34 44.52
N GLU B 122 18.96 -9.72 43.46
CA GLU B 122 19.03 -8.25 43.39
C GLU B 122 18.05 -7.53 42.45
N GLY B 123 16.78 -7.45 42.84
CA GLY B 123 15.81 -6.76 42.00
C GLY B 123 15.52 -7.50 40.71
N MET B 124 16.24 -8.61 40.49
CA MET B 124 15.93 -9.54 39.43
C MET B 124 14.74 -10.35 39.94
N VAL B 125 14.45 -10.13 41.21
CA VAL B 125 13.38 -10.78 41.97
C VAL B 125 11.99 -10.68 41.32
N GLU B 126 11.67 -9.51 40.74
CA GLU B 126 10.41 -9.33 40.01
C GLU B 126 10.29 -10.34 38.89
N ILE B 127 11.36 -10.48 38.10
CA ILE B 127 11.39 -11.44 37.00
C ILE B 127 11.30 -12.87 37.51
N PHE B 128 11.97 -13.11 38.64
CA PHE B 128 11.95 -14.42 39.28
C PHE B 128 10.53 -14.82 39.65
N ASP B 129 9.74 -13.88 40.15
CA ASP B 129 8.37 -14.14 40.55
C ASP B 129 7.48 -14.40 39.35
N MET B 130 7.70 -13.66 38.28
CA MET B 130 6.91 -13.85 37.06
C MET B 130 7.20 -15.22 36.45
N LEU B 131 8.45 -15.65 36.57
CA LEU B 131 8.85 -16.97 36.08
C LEU B 131 8.17 -18.06 36.89
N LEU B 132 8.06 -17.84 38.19
CA LEU B 132 7.36 -18.77 39.08
C LEU B 132 5.87 -18.82 38.76
N ALA B 133 5.27 -17.65 38.56
CA ALA B 133 3.85 -17.55 38.24
C ALA B 133 3.52 -18.22 36.92
N THR B 134 4.45 -18.15 35.97
CA THR B 134 4.28 -18.81 34.68
C THR B 134 4.33 -20.32 34.84
N SER B 135 5.27 -20.78 35.67
CA SER B 135 5.40 -22.20 35.97
C SER B 135 4.16 -22.70 36.70
N SER B 136 3.66 -21.90 37.62
CA SER B 136 2.46 -22.24 38.37
C SER B 136 1.26 -22.32 37.45
N ARG B 137 1.26 -21.46 36.43
CA ARG B 137 0.19 -21.45 35.43
C ARG B 137 0.21 -22.72 34.59
N PHE B 138 1.40 -23.15 34.19
CA PHE B 138 1.55 -24.38 33.43
C PHE B 138 1.13 -25.61 34.24
N ARG B 139 1.45 -25.59 35.53
CA ARG B 139 1.11 -26.70 36.41
C ARG B 139 -0.39 -26.79 36.62
N MET B 140 -1.03 -25.63 36.79
CA MET B 140 -2.48 -25.56 36.93
C MET B 140 -3.18 -26.04 35.67
N MET B 141 -2.62 -25.67 34.52
CA MET B 141 -3.17 -26.08 33.22
C MET B 141 -2.78 -27.49 32.86
N ASN B 142 -1.88 -28.08 33.64
N ASN B 142 -1.88 -28.09 33.65
CA ASN B 142 -1.36 -29.42 33.39
CA ASN B 142 -1.37 -29.43 33.37
C ASN B 142 -0.77 -29.53 31.98
C ASN B 142 -0.79 -29.51 31.96
N LEU B 143 0.16 -28.64 31.68
CA LEU B 143 0.80 -28.59 30.37
C LEU B 143 1.53 -29.89 30.03
N GLN B 144 1.35 -30.35 28.80
CA GLN B 144 2.01 -31.58 28.34
C GLN B 144 3.25 -31.24 27.53
N GLY B 145 4.21 -32.17 27.52
CA GLY B 145 5.45 -31.98 26.79
C GLY B 145 5.24 -31.74 25.31
N GLU B 146 4.26 -32.42 24.73
CA GLU B 146 3.95 -32.25 23.32
C GLU B 146 3.43 -30.84 23.05
N GLU B 147 2.70 -30.28 24.01
CA GLU B 147 2.22 -28.91 23.90
C GLU B 147 3.36 -27.92 24.09
N PHE B 148 4.29 -28.26 24.97
CA PHE B 148 5.42 -27.39 25.27
C PHE B 148 6.32 -27.17 24.06
N VAL B 149 6.68 -28.25 23.37
CA VAL B 149 7.57 -28.16 22.23
C VAL B 149 6.91 -27.39 21.09
N CYS B 150 5.59 -27.46 21.00
CA CYS B 150 4.86 -26.68 20.01
C CYS B 150 4.96 -25.19 20.30
N LEU B 151 4.69 -24.82 21.55
CA LEU B 151 4.75 -23.43 21.97
C LEU B 151 6.13 -22.83 21.75
N LYS B 152 7.16 -23.61 22.05
CA LYS B 152 8.53 -23.14 21.96
C LYS B 152 8.87 -22.83 20.51
N SER B 153 8.42 -23.68 19.60
CA SER B 153 8.64 -23.48 18.17
C SER B 153 7.85 -22.28 17.65
N ILE B 154 6.67 -22.05 18.24
CA ILE B 154 5.85 -20.90 17.91
C ILE B 154 6.57 -19.60 18.27
N ILE B 155 7.16 -19.58 19.45
CA ILE B 155 7.93 -18.42 19.90
C ILE B 155 9.04 -18.10 18.91
N LEU B 156 9.75 -19.14 18.46
CA LEU B 156 10.85 -18.97 17.53
C LEU B 156 10.41 -18.29 16.23
N LEU B 157 9.28 -18.72 15.69
CA LEU B 157 8.82 -18.23 14.40
C LEU B 157 7.96 -16.96 14.46
N ASN B 158 7.35 -16.69 15.62
CA ASN B 158 6.40 -15.59 15.71
C ASN B 158 6.97 -14.30 16.27
N SER B 159 7.90 -14.40 17.20
CA SER B 159 8.39 -13.22 17.92
C SER B 159 9.06 -12.19 17.02
N GLY B 160 9.71 -12.65 15.95
CA GLY B 160 10.42 -11.73 15.07
C GLY B 160 9.83 -11.59 13.67
N VAL B 161 8.67 -12.20 13.43
CA VAL B 161 8.08 -12.21 12.10
C VAL B 161 7.47 -10.85 11.72
N TYR B 162 7.13 -10.04 12.72
CA TYR B 162 6.50 -8.75 12.47
C TYR B 162 7.55 -7.67 12.21
N THR B 163 8.82 -8.05 12.31
CA THR B 163 9.91 -7.18 11.89
C THR B 163 10.77 -7.93 10.86
N PHE B 164 10.07 -8.60 9.94
CA PHE B 164 10.68 -9.43 8.91
C PHE B 164 11.47 -10.59 9.51
N SER B 167 8.98 -5.54 2.13
CA SER B 167 9.77 -4.62 1.31
C SER B 167 9.76 -5.02 -0.16
N THR B 168 9.81 -6.33 -0.41
CA THR B 168 9.82 -6.84 -1.78
C THR B 168 8.74 -7.89 -1.98
N LEU B 169 8.54 -8.29 -3.24
CA LEU B 169 7.59 -9.35 -3.56
C LEU B 169 8.15 -10.70 -3.12
N LYS B 170 9.47 -10.80 -3.07
CA LYS B 170 10.15 -12.05 -2.73
C LYS B 170 10.16 -12.30 -1.23
N SER B 171 10.46 -11.25 -0.46
CA SER B 171 10.45 -11.34 1.00
C SER B 171 9.06 -11.70 1.51
N LEU B 172 8.06 -11.17 0.82
CA LEU B 172 6.65 -11.44 1.10
C LEU B 172 6.37 -12.92 1.26
N GLU B 173 6.97 -13.73 0.38
CA GLU B 173 6.77 -15.17 0.38
C GLU B 173 7.39 -15.84 1.61
N GLU B 174 8.49 -15.28 2.10
CA GLU B 174 9.17 -15.81 3.27
C GLU B 174 8.31 -15.67 4.53
N LYS B 175 7.71 -14.49 4.71
CA LYS B 175 6.86 -14.25 5.86
C LYS B 175 5.58 -15.09 5.76
N ASP B 176 5.04 -15.20 4.55
CA ASP B 176 3.86 -16.02 4.32
C ASP B 176 4.20 -17.50 4.60
N HIS B 177 5.42 -17.89 4.26
CA HIS B 177 5.88 -19.24 4.54
C HIS B 177 5.94 -19.51 6.05
N ILE B 178 6.36 -18.50 6.80
CA ILE B 178 6.46 -18.61 8.25
C ILE B 178 5.08 -18.80 8.88
N HIS B 179 4.12 -17.98 8.46
CA HIS B 179 2.76 -18.08 8.99
C HIS B 179 2.12 -19.42 8.63
N ARG B 180 2.44 -19.93 7.44
CA ARG B 180 1.91 -21.22 7.01
C ARG B 180 2.40 -22.34 7.91
N VAL B 181 3.63 -22.23 8.38
CA VAL B 181 4.19 -23.21 9.30
C VAL B 181 3.54 -23.04 10.67
N LEU B 182 3.30 -21.79 11.05
CA LEU B 182 2.62 -21.48 12.30
C LEU B 182 1.23 -22.12 12.33
N ASP B 183 0.53 -22.06 11.20
CA ASP B 183 -0.79 -22.65 11.09
C ASP B 183 -0.72 -24.16 11.33
N LYS B 184 0.29 -24.80 10.75
CA LYS B 184 0.48 -26.24 10.90
C LYS B 184 0.75 -26.61 12.35
N ILE B 185 1.49 -25.76 13.06
CA ILE B 185 1.75 -25.97 14.47
C ILE B 185 0.46 -25.76 15.27
N THR B 186 -0.33 -24.78 14.86
CA THR B 186 -1.64 -24.55 15.48
C THR B 186 -2.50 -25.79 15.30
N ASP B 187 -2.51 -26.32 14.07
CA ASP B 187 -3.24 -27.54 13.76
C ASP B 187 -2.77 -28.68 14.66
N THR B 188 -1.46 -28.76 14.86
CA THR B 188 -0.85 -29.82 15.65
C THR B 188 -1.32 -29.72 17.11
N LEU B 189 -1.35 -28.51 17.63
CA LEU B 189 -1.87 -28.26 18.98
C LEU B 189 -3.32 -28.72 19.10
N ILE B 190 -4.14 -28.36 18.13
CA ILE B 190 -5.55 -28.74 18.15
C ILE B 190 -5.70 -30.26 18.06
N HIS B 191 -4.88 -30.89 17.23
CA HIS B 191 -4.89 -32.35 17.11
C HIS B 191 -4.59 -33.02 18.44
N LEU B 192 -3.62 -32.48 19.18
CA LEU B 192 -3.27 -33.00 20.49
C LEU B 192 -4.43 -32.91 21.47
N MET B 193 -5.02 -31.72 21.57
CA MET B 193 -6.13 -31.51 22.50
C MET B 193 -7.34 -32.35 22.15
N ALA B 194 -7.53 -32.58 20.85
CA ALA B 194 -8.65 -33.40 20.39
C ALA B 194 -8.46 -34.84 20.82
N LYS B 195 -7.23 -35.33 20.70
CA LYS B 195 -6.89 -36.69 21.13
C LYS B 195 -7.03 -36.83 22.64
N ALA B 196 -6.89 -35.72 23.36
CA ALA B 196 -6.97 -35.75 24.81
C ALA B 196 -8.41 -35.83 25.31
N GLY B 197 -9.36 -35.79 24.38
CA GLY B 197 -10.77 -35.96 24.71
C GLY B 197 -11.49 -34.67 24.98
N LEU B 198 -10.86 -33.55 24.68
CA LEU B 198 -11.47 -32.24 24.88
C LEU B 198 -12.50 -31.93 23.81
N THR B 199 -13.59 -31.28 24.20
CA THR B 199 -14.59 -30.83 23.22
C THR B 199 -14.01 -29.69 22.40
N LEU B 200 -14.68 -29.34 21.32
CA LEU B 200 -14.24 -28.24 20.45
C LEU B 200 -14.11 -26.94 21.24
N GLN B 201 -15.09 -26.69 22.10
CA GLN B 201 -15.05 -25.50 22.94
C GLN B 201 -13.83 -25.53 23.86
N GLN B 202 -13.54 -26.70 24.43
CA GLN B 202 -12.40 -26.85 25.32
C GLN B 202 -11.08 -26.75 24.58
N GLN B 203 -11.05 -27.19 23.32
CA GLN B 203 -9.86 -27.10 22.50
C GLN B 203 -9.50 -25.64 22.23
N HIS B 204 -10.49 -24.87 21.78
CA HIS B 204 -10.28 -23.47 21.45
C HIS B 204 -9.87 -22.66 22.67
N GLN B 205 -10.46 -22.99 23.81
CA GLN B 205 -10.15 -22.29 25.05
C GLN B 205 -8.71 -22.54 25.49
N ARG B 206 -8.31 -23.81 25.51
CA ARG B 206 -6.95 -24.18 25.92
C ARG B 206 -5.91 -23.59 24.98
N LEU B 207 -6.18 -23.65 23.68
CA LEU B 207 -5.33 -23.01 22.68
C LEU B 207 -5.15 -21.53 22.99
N ALA B 208 -6.24 -20.85 23.32
CA ALA B 208 -6.18 -19.43 23.65
C ALA B 208 -5.37 -19.22 24.92
N GLN B 209 -5.60 -20.06 25.92
CA GLN B 209 -4.89 -19.95 27.20
C GLN B 209 -3.39 -20.11 27.02
N LEU B 210 -2.98 -21.02 26.15
CA LEU B 210 -1.57 -21.29 25.93
C LEU B 210 -0.89 -20.15 25.20
N LEU B 211 -1.54 -19.64 24.17
CA LEU B 211 -0.98 -18.55 23.37
C LEU B 211 -0.93 -17.23 24.14
N LEU B 212 -1.87 -17.04 25.07
CA LEU B 212 -1.88 -15.82 25.87
C LEU B 212 -0.68 -15.77 26.81
N ILE B 213 -0.20 -16.93 27.22
CA ILE B 213 0.95 -17.03 28.10
C ILE B 213 2.22 -16.54 27.40
N LEU B 214 2.26 -16.73 26.08
CA LEU B 214 3.39 -16.25 25.28
C LEU B 214 3.51 -14.73 25.35
N SER B 215 2.38 -14.06 25.57
CA SER B 215 2.42 -12.62 25.76
C SER B 215 3.17 -12.27 27.05
N HIS B 216 2.97 -13.08 28.08
CA HIS B 216 3.64 -12.85 29.35
C HIS B 216 5.12 -13.18 29.24
N ILE B 217 5.44 -14.20 28.46
CA ILE B 217 6.82 -14.61 28.26
C ILE B 217 7.60 -13.50 27.54
N ARG B 218 6.94 -12.84 26.59
CA ARG B 218 7.54 -11.70 25.91
C ARG B 218 7.86 -10.60 26.91
N HIS B 219 6.97 -10.42 27.88
CA HIS B 219 7.12 -9.38 28.89
C HIS B 219 8.34 -9.64 29.77
N MET B 220 8.51 -10.88 30.21
CA MET B 220 9.63 -11.25 31.06
C MET B 220 10.94 -11.11 30.31
N SER B 221 10.91 -11.46 29.03
CA SER B 221 12.07 -11.35 28.17
C SER B 221 12.51 -9.89 28.00
N ASN B 222 11.56 -8.99 27.79
CA ASN B 222 11.88 -7.57 27.66
C ASN B 222 12.49 -7.04 28.94
N LYS B 223 11.93 -7.46 30.08
CA LYS B 223 12.44 -7.05 31.38
C LYS B 223 13.84 -7.60 31.61
N GLY B 224 14.03 -8.88 31.33
CA GLY B 224 15.32 -9.52 31.49
C GLY B 224 16.38 -8.90 30.61
N MET B 225 16.00 -8.55 29.40
CA MET B 225 16.91 -7.92 28.45
C MET B 225 17.40 -6.59 29.00
N GLU B 226 16.52 -5.88 29.70
CA GLU B 226 16.88 -4.60 30.29
C GLU B 226 17.94 -4.74 31.38
N HIS B 227 17.86 -5.82 32.16
N HIS B 227 17.83 -5.82 32.16
CA HIS B 227 18.82 -6.03 33.22
CA HIS B 227 18.79 -6.09 33.23
C HIS B 227 20.15 -6.56 32.68
C HIS B 227 20.13 -6.52 32.66
N LEU B 228 20.09 -7.30 31.58
CA LEU B 228 21.31 -7.78 30.94
C LEU B 228 22.13 -6.61 30.41
N TYR B 229 21.46 -5.56 29.97
CA TYR B 229 22.12 -4.35 29.52
C TYR B 229 22.77 -3.63 30.69
N SER B 230 22.09 -3.65 31.84
CA SER B 230 22.61 -2.98 33.03
C SER B 230 23.80 -3.73 33.61
N MET B 231 23.77 -5.06 33.50
CA MET B 231 24.89 -5.88 33.97
C MET B 231 26.13 -5.65 33.13
N LYS B 232 25.93 -5.41 31.83
CA LYS B 232 27.02 -5.13 30.93
C LYS B 232 27.70 -3.82 31.29
N CYS B 233 26.89 -2.81 31.57
CA CYS B 233 27.40 -1.50 31.96
C CYS B 233 28.01 -1.53 33.36
N LYS B 234 27.55 -2.47 34.19
CA LYS B 234 28.08 -2.62 35.53
C LYS B 234 29.47 -3.26 35.49
N ASN B 235 29.67 -4.15 34.53
CA ASN B 235 30.95 -4.83 34.31
C ASN B 235 31.47 -5.53 35.57
N VAL B 236 30.66 -6.43 36.13
CA VAL B 236 31.08 -7.23 37.27
C VAL B 236 30.83 -8.70 36.97
N VAL B 237 29.60 -9.01 36.56
CA VAL B 237 29.24 -10.36 36.15
C VAL B 237 29.77 -10.64 34.74
N PRO B 238 30.52 -11.75 34.58
CA PRO B 238 31.08 -12.12 33.27
C PRO B 238 30.01 -12.48 32.25
N LEU B 239 30.18 -12.00 31.03
CA LEU B 239 29.27 -12.31 29.93
C LEU B 239 30.05 -12.76 28.70
N SER B 240 29.60 -13.84 28.07
CA SER B 240 30.26 -14.36 26.88
C SER B 240 30.10 -13.43 25.69
N ASP B 241 30.97 -13.59 24.69
CA ASP B 241 30.93 -12.77 23.49
C ASP B 241 29.61 -12.92 22.75
N LEU B 242 29.11 -14.15 22.69
CA LEU B 242 27.84 -14.42 22.01
C LEU B 242 26.67 -13.79 22.75
N LEU B 243 26.72 -13.83 24.08
CA LEU B 243 25.64 -13.29 24.89
C LEU B 243 25.57 -11.77 24.74
N LEU B 244 26.73 -11.12 24.73
CA LEU B 244 26.81 -9.68 24.51
C LEU B 244 26.35 -9.33 23.11
N GLU B 245 26.59 -10.25 22.17
CA GLU B 245 26.23 -10.05 20.77
C GLU B 245 24.71 -10.17 20.57
N MET B 246 24.09 -11.07 21.33
CA MET B 246 22.64 -11.21 21.28
C MET B 246 21.98 -10.03 22.00
N LEU B 247 22.64 -9.54 23.04
CA LEU B 247 22.13 -8.44 23.84
C LEU B 247 22.09 -7.13 23.07
N ASP B 248 23.19 -6.82 22.38
CA ASP B 248 23.28 -5.60 21.61
C ASP B 248 22.29 -5.58 20.45
N ALA B 249 21.92 -6.76 19.99
CA ALA B 249 20.97 -6.89 18.89
C ALA B 249 19.57 -6.39 19.29
N HIS B 250 19.26 -6.47 20.57
CA HIS B 250 17.98 -6.01 21.10
C HIS B 250 18.01 -4.53 21.46
N ARG B 251 19.14 -4.08 21.97
CA ARG B 251 19.28 -2.70 22.43
C ARG B 251 19.34 -1.73 21.25
N LEU B 252 19.38 -2.26 20.03
CA LEU B 252 19.34 -1.43 18.83
C LEU B 252 17.90 -1.08 18.46
N HIS C 2 -2.31 6.64 47.34
CA HIS C 2 -3.27 7.57 46.76
C HIS C 2 -2.86 7.99 45.36
N LYS C 3 -3.63 7.57 44.36
CA LYS C 3 -3.30 7.85 42.97
C LYS C 3 -4.51 8.36 42.19
N ILE C 4 -4.24 9.00 41.05
CA ILE C 4 -5.30 9.55 40.20
C ILE C 4 -6.17 8.43 39.64
N LEU C 5 -5.53 7.31 39.32
CA LEU C 5 -6.23 6.15 38.77
C LEU C 5 -7.31 5.64 39.71
N HIS C 6 -7.07 5.77 41.01
CA HIS C 6 -8.05 5.36 42.01
C HIS C 6 -9.32 6.18 41.90
N ARG C 7 -9.16 7.49 41.79
CA ARG C 7 -10.29 8.41 41.73
C ARG C 7 -11.12 8.22 40.47
N LEU C 8 -10.46 8.04 39.34
CA LEU C 8 -11.14 7.91 38.06
C LEU C 8 -11.91 6.60 37.98
N LEU C 9 -11.42 5.58 38.69
CA LEU C 9 -12.05 4.26 38.68
C LEU C 9 -13.29 4.21 39.57
N GLN C 10 -13.36 5.13 40.54
CA GLN C 10 -14.46 5.12 41.50
C GLN C 10 -15.62 6.01 41.06
N ASP C 11 -15.31 7.05 40.30
CA ASP C 11 -16.34 7.96 39.80
C ASP C 11 -17.20 7.31 38.73
N LYS D 3 28.49 -11.58 14.47
CA LYS D 3 27.90 -12.59 13.61
C LYS D 3 28.30 -13.99 14.05
N ILE D 4 28.55 -14.15 15.35
CA ILE D 4 28.82 -15.45 15.93
C ILE D 4 27.65 -16.38 15.68
N LEU D 5 26.44 -15.84 15.82
CA LEU D 5 25.22 -16.58 15.57
C LEU D 5 25.16 -17.08 14.13
N HIS D 6 25.65 -16.25 13.21
CA HIS D 6 25.69 -16.61 11.80
C HIS D 6 26.69 -17.72 11.54
N ARG D 7 27.77 -17.71 12.31
CA ARG D 7 28.81 -18.74 12.19
C ARG D 7 28.29 -20.09 12.67
N LEU D 8 27.53 -20.07 13.75
CA LEU D 8 27.03 -21.30 14.35
C LEU D 8 25.85 -21.87 13.57
N LEU D 9 25.25 -21.05 12.71
CA LEU D 9 24.05 -21.45 11.99
C LEU D 9 24.35 -22.21 10.69
N GLN D 10 25.63 -22.53 10.45
CA GLN D 10 26.00 -23.21 9.21
C GLN D 10 27.11 -24.24 9.39
N ASP D 11 27.69 -24.28 10.59
CA ASP D 11 28.76 -25.24 10.87
C ASP D 11 28.23 -26.68 10.89
N SER E 8 -2.68 -5.92 0.74
CA SER E 8 -2.02 -5.22 -0.37
C SER E 8 -0.65 -4.70 0.05
N LEU E 9 0.31 -4.75 -0.87
CA LEU E 9 1.69 -4.41 -0.56
C LEU E 9 2.10 -3.04 -1.10
N ALA E 10 1.53 -2.66 -2.24
CA ALA E 10 1.93 -1.45 -2.98
C ALA E 10 1.86 -0.17 -2.15
N LEU E 11 0.81 -0.02 -1.35
CA LEU E 11 0.58 1.21 -0.60
C LEU E 11 1.45 1.32 0.64
N SER E 12 1.98 0.20 1.11
CA SER E 12 2.76 0.18 2.35
C SER E 12 4.25 0.45 2.09
N LEU E 13 4.68 0.23 0.86
CA LEU E 13 6.08 0.42 0.50
C LEU E 13 6.48 1.90 0.57
N THR E 14 7.74 2.14 0.87
CA THR E 14 8.27 3.50 0.79
C THR E 14 8.52 3.83 -0.67
N ALA E 15 8.83 5.10 -0.94
CA ALA E 15 9.11 5.53 -2.30
C ALA E 15 10.32 4.79 -2.87
N ASP E 16 11.39 4.69 -2.07
CA ASP E 16 12.60 4.01 -2.51
C ASP E 16 12.32 2.53 -2.76
N GLN E 17 11.46 1.93 -1.94
CA GLN E 17 11.11 0.53 -2.09
C GLN E 17 10.23 0.32 -3.32
N MET E 18 9.43 1.33 -3.65
CA MET E 18 8.59 1.27 -4.84
C MET E 18 9.45 1.30 -6.11
N VAL E 19 10.44 2.18 -6.12
CA VAL E 19 11.37 2.31 -7.24
C VAL E 19 12.16 1.02 -7.45
N SER E 20 12.69 0.46 -6.37
CA SER E 20 13.46 -0.76 -6.45
C SER E 20 12.62 -1.91 -6.98
N ALA E 21 11.37 -1.98 -6.54
CA ALA E 21 10.46 -3.03 -6.98
C ALA E 21 10.20 -2.94 -8.48
N LEU E 22 10.04 -1.71 -8.98
CA LEU E 22 9.76 -1.50 -10.40
C LEU E 22 10.98 -1.81 -11.25
N LEU E 23 12.14 -1.36 -10.78
CA LEU E 23 13.40 -1.62 -11.48
C LEU E 23 13.67 -3.11 -11.60
N ASP E 24 13.45 -3.83 -10.51
CA ASP E 24 13.71 -5.27 -10.48
C ASP E 24 12.71 -6.03 -11.34
N ALA E 25 11.59 -5.38 -11.65
CA ALA E 25 10.53 -6.00 -12.43
C ALA E 25 10.74 -5.83 -13.94
N GLU E 26 11.72 -5.00 -14.29
CA GLU E 26 11.95 -4.65 -15.70
C GLU E 26 12.16 -5.86 -16.59
N PRO E 27 11.41 -5.91 -17.70
CA PRO E 27 11.58 -6.97 -18.71
C PRO E 27 12.88 -6.78 -19.45
N PRO E 28 13.46 -7.87 -19.96
CA PRO E 28 14.75 -7.79 -20.65
C PRO E 28 14.64 -7.24 -22.06
N ILE E 29 15.77 -6.85 -22.63
CA ILE E 29 15.81 -6.43 -24.02
C ILE E 29 16.00 -7.65 -24.90
N LEU E 30 15.06 -7.87 -25.83
CA LEU E 30 15.11 -9.03 -26.70
C LEU E 30 15.76 -8.69 -28.03
N TYR E 31 16.21 -9.72 -28.74
CA TYR E 31 16.82 -9.54 -30.05
C TYR E 31 15.85 -9.93 -31.15
N SER E 32 16.03 -9.33 -32.33
CA SER E 32 15.27 -9.72 -33.51
C SER E 32 15.85 -10.99 -34.10
N GLU E 33 15.06 -11.68 -34.92
CA GLU E 33 15.52 -12.93 -35.54
C GLU E 33 16.34 -12.65 -36.80
N TYR E 34 17.32 -11.75 -36.66
CA TYR E 34 18.20 -11.38 -37.75
C TYR E 34 19.33 -12.39 -37.91
N PHE E 40 15.43 -4.11 -46.91
CA PHE E 40 14.25 -4.53 -46.17
C PHE E 40 12.99 -4.54 -47.03
N SER E 41 12.38 -5.72 -47.11
CA SER E 41 11.16 -5.92 -47.87
C SER E 41 9.94 -5.41 -47.12
N GLU E 42 8.77 -5.59 -47.72
CA GLU E 42 7.51 -5.20 -47.10
C GLU E 42 7.16 -6.16 -45.97
N ALA E 43 6.90 -7.41 -46.33
CA ALA E 43 6.47 -8.42 -45.36
C ALA E 43 7.59 -8.85 -44.43
N SER E 44 8.84 -8.57 -44.82
CA SER E 44 9.98 -8.93 -44.00
C SER E 44 10.15 -7.95 -42.85
N MET E 45 9.98 -6.67 -43.13
CA MET E 45 10.04 -5.63 -42.11
C MET E 45 8.96 -5.84 -41.05
N MET E 46 7.71 -5.95 -41.50
CA MET E 46 6.59 -6.15 -40.60
C MET E 46 6.69 -7.50 -39.90
N GLY E 47 7.21 -8.50 -40.60
CA GLY E 47 7.37 -9.82 -40.03
C GLY E 47 8.27 -9.79 -38.81
N LEU E 48 9.37 -9.04 -38.92
CA LEU E 48 10.33 -8.93 -37.83
C LEU E 48 9.73 -8.20 -36.63
N LEU E 49 8.99 -7.13 -36.93
CA LEU E 49 8.42 -6.30 -35.88
C LEU E 49 7.31 -7.03 -35.12
N THR E 50 6.45 -7.74 -35.84
CA THR E 50 5.35 -8.41 -35.19
C THR E 50 5.85 -9.63 -34.42
N ASN E 51 6.88 -10.28 -34.95
CA ASN E 51 7.49 -11.41 -34.25
C ASN E 51 8.13 -10.93 -32.95
N LEU E 52 8.72 -9.74 -33.01
CA LEU E 52 9.32 -9.12 -31.84
C LEU E 52 8.26 -8.67 -30.85
N ALA E 53 7.15 -8.15 -31.36
CA ALA E 53 6.06 -7.68 -30.52
C ALA E 53 5.45 -8.83 -29.72
N ASP E 54 5.25 -9.97 -30.39
CA ASP E 54 4.65 -11.13 -29.75
C ASP E 54 5.51 -11.66 -28.60
N ARG E 55 6.82 -11.65 -28.79
CA ARG E 55 7.72 -12.14 -27.76
C ARG E 55 7.78 -11.17 -26.58
N GLU E 56 7.78 -9.88 -26.87
CA GLU E 56 7.78 -8.86 -25.82
C GLU E 56 6.48 -8.83 -25.02
N LEU E 57 5.38 -9.22 -25.66
CA LEU E 57 4.09 -9.28 -24.99
C LEU E 57 4.10 -10.29 -23.85
N VAL E 58 4.74 -11.43 -24.08
CA VAL E 58 4.81 -12.47 -23.07
C VAL E 58 5.58 -11.98 -21.85
N HIS E 59 6.63 -11.21 -22.08
CA HIS E 59 7.43 -10.67 -20.99
C HIS E 59 6.69 -9.54 -20.28
N MET E 60 5.89 -8.79 -21.02
CA MET E 60 5.12 -7.69 -20.44
C MET E 60 4.07 -8.22 -19.45
N ILE E 61 3.44 -9.33 -19.80
CA ILE E 61 2.42 -9.92 -18.96
C ILE E 61 2.99 -10.37 -17.63
N ASN E 62 4.19 -10.93 -17.65
CA ASN E 62 4.86 -11.33 -16.43
C ASN E 62 5.48 -10.13 -15.72
N TRP E 63 5.76 -9.07 -16.48
CA TRP E 63 6.20 -7.82 -15.88
C TRP E 63 5.04 -7.18 -15.10
N ALA E 64 3.84 -7.24 -15.67
CA ALA E 64 2.66 -6.67 -15.03
C ALA E 64 2.39 -7.31 -13.68
N LYS E 65 2.64 -8.61 -13.57
CA LYS E 65 2.43 -9.34 -12.33
C LYS E 65 3.34 -8.82 -11.22
N ARG E 66 4.53 -8.36 -11.59
CA ARG E 66 5.50 -7.89 -10.62
C ARG E 66 5.34 -6.41 -10.32
N VAL E 67 4.39 -5.76 -10.99
CA VAL E 67 4.06 -4.38 -10.67
C VAL E 67 3.18 -4.34 -9.43
N PRO E 68 3.68 -3.73 -8.35
CA PRO E 68 3.00 -3.69 -7.05
C PRO E 68 1.56 -3.19 -7.15
N GLY E 69 0.62 -4.01 -6.67
CA GLY E 69 -0.79 -3.65 -6.69
C GLY E 69 -1.58 -4.23 -7.84
N PHE E 70 -0.87 -4.72 -8.85
CA PHE E 70 -1.53 -5.26 -10.05
C PHE E 70 -2.13 -6.63 -9.79
N VAL E 71 -1.47 -7.44 -8.96
CA VAL E 71 -1.97 -8.77 -8.66
C VAL E 71 -3.07 -8.69 -7.61
N ASP E 72 -3.17 -7.54 -6.94
CA ASP E 72 -4.24 -7.30 -5.99
C ASP E 72 -5.58 -7.18 -6.70
N LEU E 73 -5.51 -6.90 -8.00
CA LEU E 73 -6.70 -6.78 -8.83
C LEU E 73 -7.22 -8.14 -9.25
N THR E 74 -8.51 -8.20 -9.59
CA THR E 74 -9.10 -9.43 -10.09
C THR E 74 -8.52 -9.76 -11.46
N LEU E 75 -8.70 -11.01 -11.88
CA LEU E 75 -8.18 -11.46 -13.16
C LEU E 75 -8.77 -10.67 -14.31
N HIS E 76 -10.07 -10.37 -14.20
CA HIS E 76 -10.77 -9.67 -15.27
C HIS E 76 -10.28 -8.25 -15.43
N ASP E 77 -9.92 -7.61 -14.33
CA ASP E 77 -9.41 -6.26 -14.36
C ASP E 77 -7.96 -6.21 -14.86
N GLN E 78 -7.18 -7.22 -14.51
CA GLN E 78 -5.83 -7.35 -15.04
C GLN E 78 -5.88 -7.47 -16.55
N VAL E 79 -6.82 -8.29 -17.04
CA VAL E 79 -6.98 -8.49 -18.47
C VAL E 79 -7.32 -7.19 -19.18
N HIS E 80 -8.32 -6.49 -18.66
CA HIS E 80 -8.78 -5.24 -19.26
C HIS E 80 -7.67 -4.20 -19.37
N LEU E 81 -6.92 -4.00 -18.29
CA LEU E 81 -5.85 -3.02 -18.29
C LEU E 81 -4.78 -3.33 -19.33
N LEU E 82 -4.38 -4.60 -19.40
CA LEU E 82 -3.39 -5.04 -20.37
C LEU E 82 -3.90 -4.94 -21.80
N GLU E 83 -5.18 -5.25 -22.00
CA GLU E 83 -5.76 -5.15 -23.34
C GLU E 83 -5.80 -3.70 -23.82
N CYS E 84 -5.97 -2.77 -22.89
CA CYS E 84 -6.09 -1.38 -23.25
C CYS E 84 -4.74 -0.70 -23.45
N ALA E 85 -3.72 -1.17 -22.73
CA ALA E 85 -2.48 -0.42 -22.63
C ALA E 85 -1.25 -1.12 -23.22
N TRP E 86 -1.43 -2.30 -23.81
CA TRP E 86 -0.28 -3.11 -24.23
C TRP E 86 0.56 -2.42 -25.30
N LEU E 87 -0.08 -1.71 -26.24
CA LEU E 87 0.68 -1.07 -27.30
C LEU E 87 1.40 0.18 -26.77
N GLU E 88 0.76 0.89 -25.84
CA GLU E 88 1.40 2.04 -25.21
C GLU E 88 2.66 1.62 -24.50
N ILE E 89 2.57 0.49 -23.79
CA ILE E 89 3.70 -0.06 -23.04
C ILE E 89 4.82 -0.50 -23.96
N LEU E 90 4.50 -1.15 -25.07
CA LEU E 90 5.52 -1.52 -26.05
C LEU E 90 6.20 -0.27 -26.60
N MET E 91 5.41 0.75 -26.89
CA MET E 91 5.93 1.97 -27.50
C MET E 91 6.80 2.79 -26.56
N ILE E 92 6.36 2.95 -25.31
CA ILE E 92 7.11 3.75 -24.35
C ILE E 92 8.43 3.05 -24.01
N GLY E 93 8.43 1.72 -24.07
CA GLY E 93 9.66 0.96 -23.91
C GLY E 93 10.58 1.18 -25.09
N LEU E 94 10.01 1.18 -26.29
CA LEU E 94 10.77 1.36 -27.51
C LEU E 94 11.40 2.74 -27.54
N VAL E 95 10.62 3.73 -27.14
CA VAL E 95 11.06 5.11 -27.08
C VAL E 95 12.20 5.28 -26.06
N TRP E 96 12.05 4.63 -24.92
CA TRP E 96 13.04 4.71 -23.83
C TRP E 96 14.42 4.22 -24.23
N ARG E 97 14.48 3.02 -24.82
CA ARG E 97 15.77 2.45 -25.20
C ARG E 97 16.27 3.03 -26.51
N SER E 98 15.51 3.95 -27.10
CA SER E 98 15.94 4.63 -28.32
C SER E 98 16.47 6.02 -28.01
N MET E 99 16.56 6.34 -26.72
CA MET E 99 16.98 7.66 -26.28
C MET E 99 18.40 8.00 -26.74
N GLU E 100 19.32 7.08 -26.50
CA GLU E 100 20.72 7.33 -26.80
C GLU E 100 21.06 7.01 -28.26
N HIS E 101 20.04 7.03 -29.11
CA HIS E 101 20.25 6.87 -30.56
C HIS E 101 19.36 7.82 -31.33
N PRO E 102 19.67 9.13 -31.29
CA PRO E 102 18.87 10.18 -31.93
C PRO E 102 18.64 9.92 -33.41
N GLY E 103 17.38 10.07 -33.84
CA GLY E 103 17.03 9.87 -35.23
C GLY E 103 16.82 8.42 -35.60
N LYS E 104 16.95 7.54 -34.60
CA LYS E 104 16.80 6.10 -34.83
C LYS E 104 15.90 5.45 -33.77
N LEU E 105 15.29 4.33 -34.14
CA LEU E 105 14.46 3.57 -33.21
C LEU E 105 15.09 2.20 -32.94
N LEU E 106 15.47 1.97 -31.69
CA LEU E 106 16.09 0.71 -31.31
C LEU E 106 15.04 -0.34 -30.97
N PHE E 107 14.50 -0.99 -32.00
CA PHE E 107 13.56 -2.09 -31.80
C PHE E 107 14.27 -3.24 -31.12
N ALA E 108 15.52 -3.47 -31.55
CA ALA E 108 16.37 -4.49 -30.96
C ALA E 108 17.82 -4.06 -31.13
N PRO E 109 18.72 -4.57 -30.28
CA PRO E 109 20.14 -4.23 -30.41
C PRO E 109 20.70 -4.57 -31.79
N ASN E 110 20.13 -5.59 -32.42
CA ASN E 110 20.53 -5.97 -33.77
C ASN E 110 19.50 -5.52 -34.81
N LEU E 111 18.67 -4.56 -34.42
CA LEU E 111 17.67 -4.00 -35.32
C LEU E 111 17.44 -2.52 -35.03
N LEU E 112 18.39 -1.70 -35.46
CA LEU E 112 18.30 -0.25 -35.28
C LEU E 112 17.90 0.41 -36.59
N LEU E 113 16.76 1.10 -36.59
CA LEU E 113 16.21 1.65 -37.83
C LEU E 113 16.03 3.16 -37.79
N ASP E 114 16.19 3.79 -38.95
CA ASP E 114 15.87 5.21 -39.09
C ASP E 114 14.57 5.37 -39.86
N ARG E 115 14.09 6.61 -39.98
CA ARG E 115 12.78 6.87 -40.56
C ARG E 115 12.71 6.57 -42.05
N ASN E 116 13.87 6.42 -42.69
CA ASN E 116 13.90 6.08 -44.10
C ASN E 116 13.36 4.69 -44.38
N GLN E 117 13.65 3.77 -43.47
CA GLN E 117 13.19 2.40 -43.61
C GLN E 117 11.73 2.31 -43.19
N GLY E 118 11.21 3.43 -42.68
CA GLY E 118 9.80 3.56 -42.35
C GLY E 118 8.90 3.56 -43.57
N LYS E 119 9.36 4.20 -44.64
CA LYS E 119 8.60 4.33 -45.87
C LYS E 119 8.43 2.99 -46.59
N CYS E 120 9.11 1.97 -46.08
CA CYS E 120 9.26 0.75 -46.83
C CYS E 120 7.89 0.22 -47.10
N VAL E 121 7.08 0.11 -46.07
CA VAL E 121 5.66 -0.07 -46.26
C VAL E 121 4.89 0.27 -44.99
N GLU E 122 3.62 0.56 -45.13
CA GLU E 122 3.16 1.78 -45.73
C GLU E 122 2.36 2.49 -44.67
N GLY E 123 2.66 3.74 -44.37
CA GLY E 123 2.04 4.38 -43.23
C GLY E 123 2.76 4.22 -41.91
N MET E 124 3.94 3.66 -41.96
CA MET E 124 4.67 3.37 -40.72
C MET E 124 5.40 4.63 -40.37
N VAL E 125 5.78 5.33 -41.43
CA VAL E 125 6.62 6.51 -41.38
C VAL E 125 6.04 7.60 -40.47
N GLU E 126 4.71 7.78 -40.51
CA GLU E 126 4.08 8.78 -39.67
C GLU E 126 4.22 8.40 -38.20
N ILE E 127 3.90 7.15 -37.88
CA ILE E 127 4.02 6.67 -36.51
C ILE E 127 5.48 6.62 -36.08
N PHE E 128 6.34 6.34 -37.05
CA PHE E 128 7.78 6.34 -36.84
C PHE E 128 8.26 7.71 -36.36
N ASP E 129 7.82 8.76 -37.05
CA ASP E 129 8.21 10.13 -36.74
C ASP E 129 7.68 10.60 -35.38
N MET E 130 6.52 10.09 -34.99
CA MET E 130 5.96 10.42 -33.68
C MET E 130 6.78 9.76 -32.58
N LEU E 131 7.20 8.52 -32.83
CA LEU E 131 8.03 7.80 -31.87
C LEU E 131 9.37 8.49 -31.71
N LEU E 132 9.99 8.85 -32.84
CA LEU E 132 11.25 9.58 -32.83
C LEU E 132 11.11 10.91 -32.09
N ALA E 133 9.96 11.56 -32.26
CA ALA E 133 9.68 12.82 -31.60
C ALA E 133 9.61 12.64 -30.08
N THR E 134 8.97 11.56 -29.66
CA THR E 134 8.85 11.24 -28.24
C THR E 134 10.20 10.90 -27.62
N SER E 135 11.03 10.18 -28.37
CA SER E 135 12.36 9.82 -27.92
C SER E 135 13.23 11.07 -27.78
N SER E 136 13.08 11.98 -28.73
CA SER E 136 13.84 13.23 -28.68
C SER E 136 13.41 14.06 -27.48
N ARG E 137 12.12 14.03 -27.17
CA ARG E 137 11.58 14.76 -26.04
C ARG E 137 12.10 14.22 -24.71
N PHE E 138 12.11 12.89 -24.59
CA PHE E 138 12.61 12.24 -23.39
C PHE E 138 14.09 12.53 -23.19
N ARG E 139 14.83 12.56 -24.28
CA ARG E 139 16.26 12.84 -24.25
C ARG E 139 16.52 14.28 -23.82
N MET E 140 15.68 15.19 -24.29
CA MET E 140 15.77 16.60 -23.91
C MET E 140 15.53 16.79 -22.42
N MET E 141 14.53 16.10 -21.89
CA MET E 141 14.19 16.19 -20.48
C MET E 141 15.14 15.37 -19.60
N ASN E 142 16.02 14.62 -20.24
CA ASN E 142 16.93 13.71 -19.53
C ASN E 142 16.15 12.78 -18.61
N LEU E 143 15.17 12.10 -19.19
CA LEU E 143 14.37 11.13 -18.46
C LEU E 143 15.22 10.03 -17.85
N GLN E 144 15.09 9.84 -16.54
CA GLN E 144 15.85 8.81 -15.84
C GLN E 144 15.08 7.48 -15.81
N GLY E 145 15.83 6.39 -15.64
CA GLY E 145 15.24 5.06 -15.60
C GLY E 145 14.22 4.91 -14.49
N GLU E 146 14.50 5.55 -13.36
CA GLU E 146 13.59 5.52 -12.22
C GLU E 146 12.28 6.19 -12.58
N GLU E 147 12.35 7.25 -13.38
CA GLU E 147 11.15 7.96 -13.81
C GLU E 147 10.42 7.16 -14.88
N PHE E 148 11.19 6.51 -15.74
CA PHE E 148 10.62 5.68 -16.79
C PHE E 148 9.72 4.58 -16.26
N VAL E 149 10.23 3.78 -15.33
CA VAL E 149 9.47 2.65 -14.82
C VAL E 149 8.20 3.11 -14.10
N CYS E 150 8.23 4.33 -13.56
CA CYS E 150 7.04 4.91 -12.95
C CYS E 150 6.00 5.25 -14.02
N LEU E 151 6.45 5.86 -15.11
CA LEU E 151 5.55 6.23 -16.19
C LEU E 151 4.91 5.01 -16.82
N LYS E 152 5.70 3.97 -17.05
CA LYS E 152 5.21 2.74 -17.66
C LYS E 152 4.14 2.10 -16.79
N SER E 153 4.38 2.05 -15.48
CA SER E 153 3.41 1.52 -14.54
C SER E 153 2.12 2.33 -14.55
N ILE E 154 2.24 3.66 -14.62
CA ILE E 154 1.08 4.53 -14.66
C ILE E 154 0.20 4.22 -15.87
N ILE E 155 0.82 4.06 -17.04
CA ILE E 155 0.10 3.70 -18.26
C ILE E 155 -0.73 2.44 -18.06
N LEU E 156 -0.12 1.43 -17.43
CA LEU E 156 -0.79 0.16 -17.21
C LEU E 156 -2.06 0.32 -16.38
N LEU E 157 -1.98 1.12 -15.32
CA LEU E 157 -3.10 1.27 -14.39
C LEU E 157 -4.10 2.35 -14.81
N ASN E 158 -3.67 3.29 -15.63
CA ASN E 158 -4.50 4.45 -15.95
C ASN E 158 -5.28 4.34 -17.26
N SER E 159 -4.67 3.74 -18.27
CA SER E 159 -5.23 3.73 -19.62
C SER E 159 -6.64 3.13 -19.72
N GLY E 160 -6.92 2.10 -18.92
CA GLY E 160 -8.21 1.44 -18.99
C GLY E 160 -9.07 1.56 -17.75
N VAL E 161 -8.70 2.45 -16.84
CA VAL E 161 -9.42 2.56 -15.58
C VAL E 161 -10.75 3.30 -15.76
N TYR E 162 -10.85 4.09 -16.82
CA TYR E 162 -12.06 4.87 -17.08
C TYR E 162 -13.06 4.11 -17.93
N THR E 163 -12.75 2.85 -18.21
CA THR E 163 -13.64 2.01 -19.03
C THR E 163 -14.01 0.72 -18.32
N PHE E 164 -14.10 0.79 -17.00
CA PHE E 164 -14.54 -0.36 -16.20
C PHE E 164 -16.06 -0.37 -16.06
N LYS E 175 -12.61 0.62 -8.21
CA LYS E 175 -11.55 1.30 -8.93
C LYS E 175 -10.85 2.31 -8.04
N ASP E 176 -11.30 2.40 -6.79
CA ASP E 176 -10.70 3.30 -5.81
C ASP E 176 -9.28 2.85 -5.46
N HIS E 177 -9.06 1.54 -5.45
CA HIS E 177 -7.74 0.97 -5.17
C HIS E 177 -6.72 1.39 -6.23
N ILE E 178 -7.11 1.27 -7.50
CA ILE E 178 -6.23 1.60 -8.62
C ILE E 178 -5.80 3.07 -8.55
N HIS E 179 -6.74 3.93 -8.18
CA HIS E 179 -6.44 5.36 -8.09
C HIS E 179 -5.50 5.67 -6.92
N ARG E 180 -5.61 4.89 -5.84
CA ARG E 180 -4.74 5.09 -4.69
C ARG E 180 -3.31 4.64 -4.99
N VAL E 181 -3.18 3.61 -5.82
CA VAL E 181 -1.87 3.14 -6.26
C VAL E 181 -1.23 4.18 -7.18
N LEU E 182 -2.05 4.77 -8.04
CA LEU E 182 -1.59 5.83 -8.94
C LEU E 182 -1.09 7.01 -8.13
N ASP E 183 -1.78 7.32 -7.03
CA ASP E 183 -1.34 8.38 -6.13
C ASP E 183 0.03 8.04 -5.54
N LYS E 184 0.22 6.76 -5.24
CA LYS E 184 1.47 6.29 -4.67
C LYS E 184 2.62 6.47 -5.65
N ILE E 185 2.34 6.20 -6.92
CA ILE E 185 3.35 6.35 -7.96
C ILE E 185 3.63 7.83 -8.22
N THR E 186 2.61 8.66 -8.09
CA THR E 186 2.78 10.10 -8.20
C THR E 186 3.74 10.60 -7.12
N ASP E 187 3.51 10.16 -5.89
CA ASP E 187 4.39 10.48 -4.77
C ASP E 187 5.81 9.98 -5.05
N THR E 188 5.88 8.81 -5.69
CA THR E 188 7.17 8.21 -6.03
C THR E 188 7.93 9.08 -7.04
N LEU E 189 7.21 9.59 -8.04
CA LEU E 189 7.81 10.46 -9.05
C LEU E 189 8.39 11.72 -8.44
N ILE E 190 7.56 12.42 -7.65
CA ILE E 190 8.00 13.64 -6.96
C ILE E 190 9.20 13.34 -6.06
N HIS E 191 9.16 12.20 -5.39
CA HIS E 191 10.26 11.75 -4.53
C HIS E 191 11.59 11.71 -5.27
N LEU E 192 11.55 11.17 -6.49
CA LEU E 192 12.75 11.07 -7.32
C LEU E 192 13.26 12.45 -7.73
N MET E 193 12.33 13.35 -8.03
CA MET E 193 12.70 14.70 -8.45
C MET E 193 13.25 15.51 -7.30
N ALA E 194 12.66 15.31 -6.11
CA ALA E 194 13.15 15.96 -4.91
C ALA E 194 14.57 15.50 -4.60
N LYS E 195 14.82 14.20 -4.74
CA LYS E 195 16.14 13.65 -4.46
C LYS E 195 17.16 14.10 -5.50
N ALA E 196 16.69 14.37 -6.70
CA ALA E 196 17.55 14.86 -7.79
C ALA E 196 17.99 16.30 -7.55
N GLY E 197 17.32 16.98 -6.61
CA GLY E 197 17.71 18.33 -6.23
C GLY E 197 16.86 19.43 -6.85
N LEU E 198 15.76 19.04 -7.50
CA LEU E 198 14.89 20.00 -8.14
C LEU E 198 14.13 20.84 -7.12
N THR E 199 13.91 22.11 -7.44
CA THR E 199 13.14 23.00 -6.59
C THR E 199 11.66 22.64 -6.65
N LEU E 200 10.89 23.13 -5.68
CA LEU E 200 9.47 22.82 -5.58
C LEU E 200 8.71 23.18 -6.87
N GLN E 201 9.07 24.31 -7.46
CA GLN E 201 8.44 24.74 -8.70
C GLN E 201 8.83 23.81 -9.85
N GLN E 202 10.10 23.43 -9.89
CA GLN E 202 10.60 22.52 -10.91
C GLN E 202 10.02 21.13 -10.75
N GLN E 203 9.57 20.81 -9.53
CA GLN E 203 9.03 19.48 -9.25
C GLN E 203 7.70 19.26 -9.95
N HIS E 204 6.73 20.12 -9.68
CA HIS E 204 5.41 19.92 -10.26
C HIS E 204 5.39 20.28 -11.74
N GLN E 205 6.37 21.05 -12.19
CA GLN E 205 6.47 21.41 -13.60
C GLN E 205 6.97 20.21 -14.41
N ARG E 206 8.00 19.54 -13.90
CA ARG E 206 8.51 18.34 -14.55
C ARG E 206 7.50 17.21 -14.45
N LEU E 207 6.81 17.11 -13.31
CA LEU E 207 5.76 16.12 -13.14
C LEU E 207 4.70 16.29 -14.21
N ALA E 208 4.31 17.54 -14.46
CA ALA E 208 3.33 17.86 -15.48
C ALA E 208 3.83 17.48 -16.86
N GLN E 209 5.09 17.84 -17.14
CA GLN E 209 5.68 17.58 -18.45
C GLN E 209 5.69 16.09 -18.77
N LEU E 210 6.02 15.27 -17.78
CA LEU E 210 6.06 13.82 -17.97
C LEU E 210 4.69 13.25 -18.28
N LEU E 211 3.70 13.68 -17.52
CA LEU E 211 2.36 13.12 -17.63
C LEU E 211 1.61 13.60 -18.88
N LEU E 212 1.99 14.76 -19.40
CA LEU E 212 1.42 15.25 -20.65
C LEU E 212 1.89 14.42 -21.84
N ILE E 213 3.07 13.82 -21.71
CA ILE E 213 3.65 13.00 -22.77
C ILE E 213 2.82 11.72 -22.96
N LEU E 214 2.17 11.29 -21.88
CA LEU E 214 1.33 10.10 -21.91
C LEU E 214 0.14 10.27 -22.86
N SER E 215 -0.34 11.51 -23.03
CA SER E 215 -1.42 11.76 -23.97
C SER E 215 -0.93 11.50 -25.39
N HIS E 216 0.30 11.93 -25.68
CA HIS E 216 0.90 11.71 -26.98
C HIS E 216 1.16 10.23 -27.22
N ILE E 217 1.56 9.54 -26.16
CA ILE E 217 1.81 8.10 -26.25
C ILE E 217 0.49 7.36 -26.47
N ARG E 218 -0.57 7.84 -25.82
CA ARG E 218 -1.91 7.31 -26.06
C ARG E 218 -2.30 7.50 -27.53
N HIS E 219 -2.00 8.69 -28.05
CA HIS E 219 -2.30 9.03 -29.44
C HIS E 219 -1.62 8.10 -30.42
N MET E 220 -0.33 7.84 -30.19
CA MET E 220 0.45 6.97 -31.07
C MET E 220 -0.12 5.54 -31.05
N SER E 221 -0.50 5.07 -29.88
CA SER E 221 -1.09 3.75 -29.73
C SER E 221 -2.34 3.58 -30.59
N ASN E 222 -3.23 4.56 -30.54
CA ASN E 222 -4.43 4.53 -31.37
C ASN E 222 -4.11 4.53 -32.86
N LYS E 223 -3.11 5.31 -33.26
CA LYS E 223 -2.67 5.33 -34.66
C LYS E 223 -2.02 4.01 -35.06
N GLY E 224 -1.26 3.43 -34.12
CA GLY E 224 -0.60 2.17 -34.35
C GLY E 224 -1.59 1.02 -34.40
N MET E 225 -2.58 1.07 -33.53
CA MET E 225 -3.61 0.04 -33.47
C MET E 225 -4.38 -0.06 -34.79
N GLU E 226 -4.67 1.10 -35.38
CA GLU E 226 -5.40 1.15 -36.64
C GLU E 226 -4.60 0.52 -37.76
N HIS E 227 -3.28 0.69 -37.73
CA HIS E 227 -2.42 0.11 -38.75
C HIS E 227 -2.35 -1.40 -38.63
N LEU E 228 -2.27 -1.90 -37.40
CA LEU E 228 -2.26 -3.34 -37.16
C LEU E 228 -3.54 -4.00 -37.67
N TYR E 229 -4.64 -3.28 -37.58
CA TYR E 229 -5.92 -3.77 -38.05
C TYR E 229 -5.94 -3.87 -39.58
N SER E 230 -5.22 -2.96 -40.23
CA SER E 230 -5.13 -2.97 -41.68
C SER E 230 -4.25 -4.12 -42.16
N MET E 231 -3.19 -4.40 -41.42
CA MET E 231 -2.31 -5.52 -41.72
C MET E 231 -3.07 -6.84 -41.60
N LYS E 232 -3.93 -6.92 -40.60
CA LYS E 232 -4.78 -8.09 -40.42
C LYS E 232 -5.71 -8.28 -41.61
N CYS E 233 -6.31 -7.18 -42.06
CA CYS E 233 -7.19 -7.22 -43.22
C CYS E 233 -6.42 -7.53 -44.50
N LYS E 234 -5.20 -7.01 -44.60
CA LYS E 234 -4.33 -7.31 -45.73
C LYS E 234 -3.94 -8.79 -45.73
N ASN E 235 -3.84 -9.36 -44.54
CA ASN E 235 -3.54 -10.78 -44.35
C ASN E 235 -2.29 -11.23 -45.10
N VAL E 236 -1.29 -10.34 -45.16
CA VAL E 236 -0.06 -10.63 -45.87
C VAL E 236 0.79 -11.66 -45.12
N PRO E 238 0.88 -11.66 -40.87
CA PRO E 238 1.47 -12.75 -40.09
C PRO E 238 1.45 -12.46 -38.59
N LEU E 239 0.26 -12.54 -37.99
CA LEU E 239 0.11 -12.22 -36.57
C LEU E 239 -0.22 -13.45 -35.74
N SER E 240 0.35 -13.51 -34.54
CA SER E 240 0.05 -14.59 -33.61
C SER E 240 -1.34 -14.43 -33.02
N ASP E 241 -1.92 -15.54 -32.56
CA ASP E 241 -3.26 -15.51 -31.98
C ASP E 241 -3.31 -14.60 -30.75
N LEU E 242 -2.22 -14.56 -29.99
CA LEU E 242 -2.13 -13.67 -28.83
C LEU E 242 -2.21 -12.21 -29.26
N LEU E 243 -1.40 -11.86 -30.26
CA LEU E 243 -1.36 -10.50 -30.77
C LEU E 243 -2.70 -10.14 -31.41
N LEU E 244 -3.35 -11.13 -32.00
CA LEU E 244 -4.66 -10.92 -32.61
C LEU E 244 -5.73 -10.68 -31.57
N GLU E 245 -5.63 -11.37 -30.45
CA GLU E 245 -6.62 -11.22 -29.38
C GLU E 245 -6.45 -9.88 -28.68
N MET E 246 -5.22 -9.39 -28.59
CA MET E 246 -4.97 -8.06 -28.03
C MET E 246 -5.48 -6.99 -28.98
N LEU E 247 -5.48 -7.32 -30.27
CA LEU E 247 -5.91 -6.40 -31.31
C LEU E 247 -7.42 -6.29 -31.38
N ASP E 248 -8.11 -7.43 -31.33
CA ASP E 248 -9.57 -7.46 -31.41
C ASP E 248 -10.24 -6.88 -30.17
N ALA E 249 -9.47 -6.71 -29.10
CA ALA E 249 -10.00 -6.13 -27.88
C ALA E 249 -10.24 -4.63 -28.05
N HIS E 250 -9.59 -4.03 -29.04
CA HIS E 250 -9.73 -2.60 -29.28
C HIS E 250 -10.80 -2.28 -30.32
N ARG E 251 -11.46 -3.30 -30.84
CA ARG E 251 -12.57 -3.08 -31.77
C ARG E 251 -13.67 -4.12 -31.57
N SER F 8 6.48 38.64 -24.95
CA SER F 8 5.23 37.91 -24.73
C SER F 8 4.58 38.31 -23.42
N LEU F 9 3.26 38.52 -23.46
CA LEU F 9 2.51 38.96 -22.29
C LEU F 9 2.08 37.78 -21.43
N ALA F 10 2.10 36.59 -22.00
CA ALA F 10 1.65 35.38 -21.31
C ALA F 10 2.62 34.99 -20.20
N LEU F 11 3.89 35.31 -20.37
CA LEU F 11 4.91 34.91 -19.41
C LEU F 11 4.99 35.92 -18.26
N SER F 12 4.23 37.01 -18.36
CA SER F 12 4.30 38.08 -17.39
C SER F 12 3.10 38.11 -16.46
N LEU F 13 2.05 37.39 -16.84
CA LEU F 13 0.82 37.33 -16.05
C LEU F 13 1.03 36.57 -14.75
N THR F 14 0.42 37.05 -13.67
CA THR F 14 0.42 36.30 -12.43
C THR F 14 -0.54 35.12 -12.55
N ALA F 15 -0.59 34.29 -11.53
CA ALA F 15 -1.46 33.12 -11.55
C ALA F 15 -2.93 33.54 -11.62
N ASP F 16 -3.28 34.57 -10.86
CA ASP F 16 -4.66 35.06 -10.85
C ASP F 16 -5.04 35.70 -12.18
N GLN F 17 -4.11 36.48 -12.73
CA GLN F 17 -4.33 37.12 -14.03
C GLN F 17 -4.53 36.07 -15.11
N MET F 18 -3.83 34.95 -14.97
CA MET F 18 -3.99 33.82 -15.87
C MET F 18 -5.42 33.27 -15.77
N VAL F 19 -5.88 33.07 -14.55
CA VAL F 19 -7.23 32.57 -14.32
C VAL F 19 -8.29 33.54 -14.83
N SER F 20 -8.12 34.82 -14.50
CA SER F 20 -9.05 35.86 -14.93
C SER F 20 -9.17 35.91 -16.45
N ALA F 21 -8.03 35.81 -17.12
CA ALA F 21 -8.01 35.88 -18.58
C ALA F 21 -8.76 34.70 -19.19
N LEU F 22 -8.47 33.50 -18.67
CA LEU F 22 -9.10 32.28 -19.16
C LEU F 22 -10.59 32.25 -18.88
N LEU F 23 -10.99 32.72 -17.70
CA LEU F 23 -12.40 32.74 -17.34
C LEU F 23 -13.18 33.72 -18.22
N ASP F 24 -12.60 34.91 -18.42
CA ASP F 24 -13.24 35.95 -19.22
CA ASP F 24 -13.26 35.93 -19.23
C ASP F 24 -13.34 35.53 -20.68
N ALA F 25 -12.49 34.57 -21.07
CA ALA F 25 -12.41 34.13 -22.46
C ALA F 25 -13.35 32.97 -22.77
N GLU F 26 -14.03 32.46 -21.75
CA GLU F 26 -14.90 31.30 -21.91
C GLU F 26 -15.97 31.49 -22.99
N PRO F 27 -16.11 30.51 -23.89
CA PRO F 27 -17.14 30.51 -24.92
C PRO F 27 -18.53 30.36 -24.30
N PRO F 28 -19.59 30.66 -25.07
CA PRO F 28 -20.95 30.54 -24.55
C PRO F 28 -21.53 29.15 -24.73
N ILE F 29 -22.58 28.84 -23.97
CA ILE F 29 -23.30 27.59 -24.14
C ILE F 29 -24.36 27.78 -25.21
N LEU F 30 -24.21 27.06 -26.32
CA LEU F 30 -25.12 27.21 -27.45
C LEU F 30 -26.30 26.27 -27.35
N TYR F 31 -27.36 26.60 -28.09
CA TYR F 31 -28.55 25.77 -28.12
C TYR F 31 -28.61 24.88 -29.35
N SER F 32 -29.27 23.74 -29.20
CA SER F 32 -29.52 22.83 -30.31
C SER F 32 -30.84 23.18 -31.00
N GLU F 33 -31.06 22.61 -32.17
CA GLU F 33 -32.34 22.78 -32.86
C GLU F 33 -33.25 21.58 -32.60
N TYR F 34 -33.00 20.91 -31.47
CA TYR F 34 -33.77 19.74 -31.08
C TYR F 34 -35.22 20.09 -30.74
N ASP F 35 -36.15 19.36 -31.35
CA ASP F 35 -37.58 19.55 -31.09
C ASP F 35 -38.17 18.26 -30.52
N PRO F 36 -38.51 18.27 -29.23
CA PRO F 36 -39.04 17.11 -28.50
C PRO F 36 -40.26 16.48 -29.18
N THR F 37 -41.11 17.31 -29.71
CA THR F 37 -42.23 16.85 -30.45
C THR F 37 -41.81 16.15 -31.71
N ARG F 38 -40.82 16.67 -32.41
CA ARG F 38 -40.40 16.13 -33.68
C ARG F 38 -39.84 14.71 -33.55
N PRO F 39 -40.20 13.80 -34.54
CA PRO F 39 -40.21 12.37 -34.13
C PRO F 39 -38.90 11.64 -33.87
N PHE F 40 -37.75 12.20 -34.22
CA PHE F 40 -36.88 11.77 -35.29
C PHE F 40 -35.84 10.64 -35.02
N SER F 41 -34.89 10.50 -35.94
CA SER F 41 -34.13 9.28 -36.22
C SER F 41 -32.78 9.15 -35.50
N GLU F 42 -32.11 8.04 -35.72
CA GLU F 42 -30.70 7.95 -35.44
C GLU F 42 -29.86 8.93 -36.25
N ALA F 43 -30.21 9.13 -37.51
CA ALA F 43 -29.50 10.02 -38.40
C ALA F 43 -29.76 11.49 -38.05
N SER F 44 -31.02 11.81 -37.84
CA SER F 44 -31.44 13.16 -37.50
C SER F 44 -30.86 13.64 -36.17
N MET F 45 -30.80 12.73 -35.22
CA MET F 45 -30.23 13.04 -33.91
C MET F 45 -28.76 13.38 -34.06
N MET F 46 -28.06 12.58 -34.86
CA MET F 46 -26.64 12.79 -35.09
C MET F 46 -26.41 14.10 -35.85
N GLY F 47 -27.39 14.49 -36.66
CA GLY F 47 -27.33 15.74 -37.39
C GLY F 47 -27.39 16.94 -36.46
N LEU F 48 -28.16 16.81 -35.39
CA LEU F 48 -28.25 17.86 -34.37
C LEU F 48 -26.91 18.06 -33.68
N LEU F 49 -26.24 16.95 -33.37
CA LEU F 49 -24.98 17.00 -32.64
C LEU F 49 -23.86 17.60 -33.50
N THR F 50 -23.86 17.25 -34.79
CA THR F 50 -22.81 17.73 -35.69
C THR F 50 -23.01 19.21 -36.02
N ASN F 51 -24.27 19.62 -36.17
CA ASN F 51 -24.60 21.03 -36.33
C ASN F 51 -24.09 21.85 -35.15
N LEU F 52 -24.37 21.36 -33.94
CA LEU F 52 -23.95 22.04 -32.72
C LEU F 52 -22.42 22.11 -32.61
N ALA F 53 -21.75 21.02 -32.99
CA ALA F 53 -20.29 20.97 -32.92
C ALA F 53 -19.66 21.99 -33.86
N ASP F 54 -20.24 22.14 -35.05
CA ASP F 54 -19.78 23.12 -36.02
C ASP F 54 -19.92 24.55 -35.50
N ARG F 55 -21.02 24.83 -34.82
CA ARG F 55 -21.26 26.18 -34.30
C ARG F 55 -20.37 26.45 -33.08
N GLU F 56 -20.15 25.44 -32.26
CA GLU F 56 -19.23 25.56 -31.14
C GLU F 56 -17.80 25.75 -31.62
N LEU F 57 -17.48 25.13 -32.75
CA LEU F 57 -16.13 25.16 -33.28
C LEU F 57 -15.72 26.58 -33.68
N VAL F 58 -16.68 27.38 -34.11
CA VAL F 58 -16.42 28.77 -34.47
C VAL F 58 -16.10 29.61 -33.24
N HIS F 59 -16.78 29.31 -32.13
CA HIS F 59 -16.55 30.03 -30.88
C HIS F 59 -15.22 29.61 -30.28
N MET F 60 -14.88 28.33 -30.46
CA MET F 60 -13.62 27.80 -29.95
C MET F 60 -12.43 28.51 -30.59
N ILE F 61 -12.53 28.72 -31.91
CA ILE F 61 -11.45 29.34 -32.67
C ILE F 61 -11.17 30.74 -32.16
N ASN F 62 -12.23 31.49 -31.87
CA ASN F 62 -12.07 32.83 -31.33
C ASN F 62 -11.67 32.80 -29.86
N TRP F 63 -12.02 31.71 -29.18
CA TRP F 63 -11.57 31.52 -27.81
C TRP F 63 -10.07 31.25 -27.75
N ALA F 64 -9.58 30.45 -28.70
CA ALA F 64 -8.16 30.11 -28.76
C ALA F 64 -7.28 31.36 -28.88
N LYS F 65 -7.78 32.37 -29.59
CA LYS F 65 -7.07 33.63 -29.74
C LYS F 65 -6.85 34.32 -28.40
N ARG F 66 -7.79 34.11 -27.48
CA ARG F 66 -7.74 34.77 -26.18
C ARG F 66 -6.97 33.95 -25.15
N VAL F 67 -6.56 32.75 -25.53
CA VAL F 67 -5.71 31.93 -24.68
C VAL F 67 -4.29 32.46 -24.71
N PRO F 68 -3.77 32.84 -23.52
CA PRO F 68 -2.43 33.44 -23.41
C PRO F 68 -1.34 32.63 -24.12
N GLY F 69 -0.54 33.32 -24.93
CA GLY F 69 0.57 32.70 -25.62
C GLY F 69 0.23 32.21 -27.01
N PHE F 70 -1.06 32.01 -27.28
CA PHE F 70 -1.50 31.39 -28.52
C PHE F 70 -1.31 32.29 -29.74
N VAL F 71 -1.57 33.59 -29.59
CA VAL F 71 -1.43 34.51 -30.72
C VAL F 71 0.03 34.79 -31.01
N ASP F 72 0.90 34.54 -30.03
CA ASP F 72 2.33 34.72 -30.23
C ASP F 72 2.87 33.67 -31.21
N LEU F 73 2.06 32.63 -31.43
CA LEU F 73 2.45 31.56 -32.34
C LEU F 73 2.16 31.92 -33.79
N THR F 74 2.91 31.33 -34.71
CA THR F 74 2.66 31.52 -36.13
C THR F 74 1.29 31.00 -36.50
N LEU F 75 0.71 31.57 -37.55
CA LEU F 75 -0.62 31.17 -38.01
C LEU F 75 -0.63 29.70 -38.41
N HIS F 76 0.48 29.22 -38.94
CA HIS F 76 0.59 27.83 -39.36
C HIS F 76 0.48 26.88 -38.17
N ASP F 77 1.15 27.23 -37.07
CA ASP F 77 1.15 26.40 -35.88
C ASP F 77 -0.19 26.45 -35.16
N GLN F 78 -0.84 27.61 -35.20
CA GLN F 78 -2.15 27.77 -34.61
C GLN F 78 -3.14 26.82 -35.27
N VAL F 79 -3.09 26.77 -36.60
CA VAL F 79 -3.94 25.88 -37.38
C VAL F 79 -3.68 24.43 -36.99
N HIS F 80 -2.40 24.09 -36.84
CA HIS F 80 -2.00 22.74 -36.48
C HIS F 80 -2.52 22.31 -35.11
N LEU F 81 -2.36 23.18 -34.12
CA LEU F 81 -2.81 22.87 -32.76
C LEU F 81 -4.32 22.66 -32.69
N LEU F 82 -5.07 23.56 -33.30
CA LEU F 82 -6.53 23.43 -33.32
C LEU F 82 -6.98 22.19 -34.08
N GLU F 83 -6.32 21.91 -35.21
CA GLU F 83 -6.65 20.74 -36.00
C GLU F 83 -6.44 19.46 -35.20
N CYS F 84 -5.53 19.51 -34.24
CA CYS F 84 -5.19 18.34 -33.45
C CYS F 84 -6.05 18.23 -32.19
N ALA F 85 -6.52 19.36 -31.68
CA ALA F 85 -7.13 19.38 -30.35
C ALA F 85 -8.62 19.72 -30.32
N TRP F 86 -9.20 20.07 -31.47
CA TRP F 86 -10.56 20.61 -31.50
C TRP F 86 -11.59 19.67 -30.90
N LEU F 87 -11.49 18.37 -31.19
CA LEU F 87 -12.47 17.43 -30.66
C LEU F 87 -12.26 17.19 -29.16
N GLU F 88 -11.00 17.19 -28.73
CA GLU F 88 -10.68 17.06 -27.31
C GLU F 88 -11.30 18.20 -26.52
N ILE F 89 -11.21 19.41 -27.07
CA ILE F 89 -11.75 20.60 -26.41
C ILE F 89 -13.28 20.57 -26.40
N LEU F 90 -13.90 20.15 -27.49
CA LEU F 90 -15.35 19.98 -27.51
C LEU F 90 -15.79 18.98 -26.45
N MET F 91 -15.12 17.85 -26.41
CA MET F 91 -15.50 16.77 -25.51
C MET F 91 -15.36 17.15 -24.04
N ILE F 92 -14.26 17.80 -23.67
CA ILE F 92 -14.06 18.16 -22.28
C ILE F 92 -15.04 19.25 -21.87
N GLY F 93 -15.41 20.09 -22.84
CA GLY F 93 -16.41 21.12 -22.62
C GLY F 93 -17.77 20.52 -22.38
N LEU F 94 -18.09 19.48 -23.16
CA LEU F 94 -19.32 18.74 -22.97
C LEU F 94 -19.33 18.05 -21.61
N VAL F 95 -18.24 17.37 -21.32
CA VAL F 95 -18.09 16.64 -20.06
C VAL F 95 -18.21 17.57 -18.85
N TRP F 96 -17.67 18.78 -18.98
CA TRP F 96 -17.68 19.75 -17.89
C TRP F 96 -19.08 20.21 -17.52
N ARG F 97 -19.90 20.52 -18.52
CA ARG F 97 -21.25 21.02 -18.25
C ARG F 97 -22.23 19.88 -17.98
N SER F 98 -21.75 18.65 -18.07
CA SER F 98 -22.59 17.49 -17.80
C SER F 98 -22.38 16.93 -16.40
N MET F 99 -21.51 17.57 -15.62
CA MET F 99 -21.17 17.10 -14.28
C MET F 99 -22.37 16.98 -13.34
N GLU F 100 -23.26 17.98 -13.38
CA GLU F 100 -24.39 18.03 -12.46
C GLU F 100 -25.54 17.16 -12.92
N HIS F 101 -25.34 16.43 -14.01
CA HIS F 101 -26.36 15.54 -14.55
C HIS F 101 -25.85 14.11 -14.66
N PRO F 102 -25.86 13.37 -13.54
CA PRO F 102 -25.37 11.99 -13.47
C PRO F 102 -26.03 11.08 -14.50
N GLY F 103 -25.21 10.33 -15.24
CA GLY F 103 -25.71 9.41 -16.25
C GLY F 103 -26.28 10.08 -17.48
N LYS F 104 -26.05 11.39 -17.61
CA LYS F 104 -26.55 12.14 -18.76
C LYS F 104 -25.48 13.03 -19.36
N LEU F 105 -25.63 13.36 -20.64
CA LEU F 105 -24.73 14.29 -21.32
C LEU F 105 -25.50 15.51 -21.79
N LEU F 106 -25.10 16.68 -21.28
CA LEU F 106 -25.77 17.92 -21.64
C LEU F 106 -25.12 18.54 -22.87
N PHE F 107 -25.53 18.09 -24.05
CA PHE F 107 -25.00 18.64 -25.29
C PHE F 107 -25.44 20.09 -25.44
N ALA F 108 -26.68 20.35 -25.05
CA ALA F 108 -27.27 21.68 -25.06
C ALA F 108 -28.31 21.75 -23.93
N PRO F 109 -28.58 22.96 -23.42
CA PRO F 109 -29.59 23.13 -22.36
C PRO F 109 -30.94 22.51 -22.71
N ASN F 110 -31.26 22.46 -23.99
CA ASN F 110 -32.51 21.86 -24.44
C ASN F 110 -32.28 20.46 -25.01
N LEU F 111 -31.05 19.96 -24.87
CA LEU F 111 -30.71 18.63 -25.36
C LEU F 111 -29.90 17.87 -24.31
N LEU F 112 -30.61 17.11 -23.48
CA LEU F 112 -29.99 16.34 -22.41
C LEU F 112 -30.28 14.86 -22.62
N LEU F 113 -29.25 14.07 -22.91
CA LEU F 113 -29.42 12.69 -23.31
C LEU F 113 -28.73 11.71 -22.38
N ASP F 114 -29.36 10.57 -22.14
CA ASP F 114 -28.66 9.48 -21.49
C ASP F 114 -28.29 8.46 -22.56
N ARG F 115 -27.53 7.44 -22.18
CA ARG F 115 -26.91 6.55 -23.15
C ARG F 115 -27.88 5.77 -24.05
N ASN F 116 -29.11 5.55 -23.56
CA ASN F 116 -30.10 4.77 -24.28
C ASN F 116 -30.74 5.51 -25.47
N GLN F 117 -30.86 6.83 -25.35
CA GLN F 117 -31.62 7.64 -26.30
C GLN F 117 -30.89 8.03 -27.61
N GLY F 118 -31.19 7.27 -28.67
CA GLY F 118 -30.92 7.73 -30.02
C GLY F 118 -29.80 7.15 -30.88
N LYS F 119 -28.67 6.75 -30.30
CA LYS F 119 -27.45 6.56 -31.10
C LYS F 119 -26.85 5.15 -31.30
N CYS F 120 -25.97 5.10 -32.31
CA CYS F 120 -24.90 4.11 -32.60
C CYS F 120 -24.75 3.98 -34.11
N GLY F 123 -20.96 1.46 -31.04
CA GLY F 123 -19.73 2.19 -31.31
C GLY F 123 -19.76 3.59 -30.73
N MET F 124 -20.82 4.31 -31.05
CA MET F 124 -20.99 5.68 -30.59
C MET F 124 -21.54 5.69 -29.16
N VAL F 125 -22.13 4.57 -28.75
CA VAL F 125 -22.64 4.45 -27.39
C VAL F 125 -21.49 4.19 -26.40
N GLU F 126 -20.37 3.68 -26.90
CA GLU F 126 -19.22 3.44 -26.04
C GLU F 126 -18.41 4.72 -25.86
N ILE F 127 -18.45 5.58 -26.86
CA ILE F 127 -17.87 6.91 -26.72
C ILE F 127 -18.72 7.70 -25.73
N PHE F 128 -20.02 7.48 -25.81
CA PHE F 128 -20.98 8.09 -24.90
C PHE F 128 -20.70 7.69 -23.46
N ASP F 129 -20.45 6.40 -23.24
CA ASP F 129 -20.17 5.88 -21.91
C ASP F 129 -18.86 6.44 -21.36
N MET F 130 -17.85 6.54 -22.23
CA MET F 130 -16.57 7.10 -21.84
C MET F 130 -16.72 8.56 -21.42
N LEU F 131 -17.54 9.31 -22.16
CA LEU F 131 -17.82 10.69 -21.82
C LEU F 131 -18.50 10.78 -20.45
N LEU F 132 -19.42 9.85 -20.18
CA LEU F 132 -20.09 9.80 -18.88
C LEU F 132 -19.11 9.50 -17.74
N ALA F 133 -18.26 8.50 -17.96
CA ALA F 133 -17.26 8.11 -16.96
C ALA F 133 -16.30 9.26 -16.66
N THR F 134 -15.99 10.05 -17.68
CA THR F 134 -15.15 11.22 -17.52
C THR F 134 -15.87 12.26 -16.66
N SER F 135 -17.14 12.49 -16.96
CA SER F 135 -17.94 13.45 -16.21
C SER F 135 -18.12 12.99 -14.77
N SER F 136 -18.19 11.67 -14.60
CA SER F 136 -18.33 11.09 -13.27
C SER F 136 -17.04 11.27 -12.47
N ARG F 137 -15.92 11.20 -13.17
CA ARG F 137 -14.61 11.39 -12.55
C ARG F 137 -14.43 12.83 -12.07
N PHE F 138 -14.85 13.78 -12.91
CA PHE F 138 -14.77 15.20 -12.55
C PHE F 138 -15.65 15.53 -11.35
N ARG F 139 -16.81 14.89 -11.30
CA ARG F 139 -17.76 15.10 -10.21
C ARG F 139 -17.21 14.57 -8.89
N MET F 140 -16.52 13.43 -8.97
CA MET F 140 -15.91 12.80 -7.81
C MET F 140 -14.74 13.64 -7.29
N MET F 141 -14.02 14.29 -8.21
CA MET F 141 -12.88 15.12 -7.84
C MET F 141 -13.26 16.54 -7.48
N ASN F 142 -14.55 16.85 -7.60
CA ASN F 142 -15.04 18.22 -7.40
C ASN F 142 -14.26 19.23 -8.25
N LEU F 143 -14.20 18.98 -9.55
CA LEU F 143 -13.46 19.85 -10.46
C LEU F 143 -14.00 21.28 -10.42
N GLN F 144 -13.10 22.25 -10.28
CA GLN F 144 -13.49 23.65 -10.26
C GLN F 144 -13.36 24.27 -11.64
N GLY F 145 -14.14 25.31 -11.88
CA GLY F 145 -14.11 26.00 -13.16
C GLY F 145 -12.75 26.59 -13.46
N GLU F 146 -12.05 27.03 -12.43
CA GLU F 146 -10.70 27.56 -12.59
C GLU F 146 -9.76 26.45 -13.04
N GLU F 147 -10.02 25.24 -12.58
CA GLU F 147 -9.23 24.08 -12.99
C GLU F 147 -9.59 23.62 -14.40
N PHE F 148 -10.87 23.70 -14.72
CA PHE F 148 -11.36 23.29 -16.03
C PHE F 148 -10.79 24.13 -17.16
N VAL F 149 -10.83 25.45 -16.99
CA VAL F 149 -10.34 26.36 -18.03
C VAL F 149 -8.83 26.20 -18.21
N CYS F 150 -8.14 25.80 -17.15
CA CYS F 150 -6.71 25.51 -17.25
C CYS F 150 -6.45 24.25 -18.06
N LEU F 151 -7.21 23.19 -17.77
CA LEU F 151 -7.05 21.92 -18.47
C LEU F 151 -7.31 22.09 -19.96
N LYS F 152 -8.33 22.86 -20.28
CA LYS F 152 -8.73 23.08 -21.66
C LYS F 152 -7.64 23.82 -22.45
N SER F 153 -6.99 24.78 -21.79
CA SER F 153 -5.89 25.50 -22.41
C SER F 153 -4.67 24.59 -22.59
N ILE F 154 -4.45 23.71 -21.62
CA ILE F 154 -3.35 22.76 -21.70
C ILE F 154 -3.54 21.84 -22.90
N ILE F 155 -4.75 21.32 -23.07
CA ILE F 155 -5.09 20.48 -24.21
C ILE F 155 -4.76 21.18 -25.53
N LEU F 156 -5.17 22.45 -25.63
CA LEU F 156 -4.93 23.24 -26.82
C LEU F 156 -3.45 23.30 -27.20
N LEU F 157 -2.61 23.53 -26.20
CA LEU F 157 -1.18 23.72 -26.44
C LEU F 157 -0.39 22.42 -26.49
N ASN F 158 -0.89 21.38 -25.82
CA ASN F 158 -0.12 20.15 -25.66
C ASN F 158 -0.35 19.09 -26.72
N SER F 159 -1.60 18.98 -27.17
CA SER F 159 -2.00 17.89 -28.05
C SER F 159 -1.22 17.82 -29.36
N GLY F 160 -0.86 18.99 -29.89
CA GLY F 160 -0.18 19.04 -31.17
C GLY F 160 1.28 19.48 -31.14
N VAL F 161 1.81 19.68 -29.94
CA VAL F 161 3.18 20.18 -29.79
C VAL F 161 4.23 19.12 -30.17
N TYR F 162 3.84 17.86 -30.16
CA TYR F 162 4.78 16.77 -30.44
C TYR F 162 4.74 16.36 -31.90
N THR F 163 3.93 17.05 -32.70
CA THR F 163 3.85 16.81 -34.13
C THR F 163 3.95 18.11 -34.91
N LYS F 170 15.13 24.78 -38.39
CA LYS F 170 15.52 24.53 -37.00
C LYS F 170 15.29 25.76 -36.15
N SER F 171 14.36 26.60 -36.58
CA SER F 171 13.98 27.80 -35.82
C SER F 171 12.82 27.47 -34.89
N LEU F 172 12.54 26.18 -34.75
CA LEU F 172 11.41 25.72 -33.94
C LEU F 172 11.68 25.88 -32.43
N GLU F 173 12.00 27.10 -32.02
CA GLU F 173 12.04 27.45 -30.60
C GLU F 173 10.66 27.95 -30.20
N GLU F 174 9.74 27.88 -31.16
CA GLU F 174 8.33 28.19 -30.91
C GLU F 174 7.69 27.06 -30.13
N LYS F 175 8.19 25.85 -30.35
CA LYS F 175 7.81 24.71 -29.53
C LYS F 175 8.33 24.91 -28.11
N ASP F 176 9.50 25.53 -27.99
CA ASP F 176 10.05 25.87 -26.69
C ASP F 176 9.15 26.88 -25.99
N HIS F 177 8.62 27.83 -26.76
CA HIS F 177 7.71 28.83 -26.23
C HIS F 177 6.43 28.19 -25.73
N ILE F 178 5.89 27.24 -26.50
CA ILE F 178 4.68 26.54 -26.12
C ILE F 178 4.87 25.79 -24.80
N HIS F 179 6.04 25.20 -24.61
CA HIS F 179 6.34 24.50 -23.37
C HIS F 179 6.45 25.48 -22.19
N ARG F 180 6.99 26.65 -22.44
CA ARG F 180 7.13 27.66 -21.40
C ARG F 180 5.76 28.17 -20.94
N VAL F 181 4.81 28.23 -21.87
CA VAL F 181 3.46 28.63 -21.52
C VAL F 181 2.78 27.52 -20.73
N LEU F 182 3.02 26.28 -21.14
CA LEU F 182 2.46 25.12 -20.47
C LEU F 182 2.91 25.06 -19.01
N ASP F 183 4.19 25.31 -18.79
CA ASP F 183 4.75 25.33 -17.44
C ASP F 183 4.05 26.39 -16.60
N LYS F 184 3.76 27.55 -17.21
CA LYS F 184 3.06 28.63 -16.53
C LYS F 184 1.65 28.20 -16.10
N ILE F 185 0.96 27.47 -16.98
CA ILE F 185 -0.40 27.02 -16.67
C ILE F 185 -0.35 25.97 -15.57
N THR F 186 0.69 25.16 -15.59
CA THR F 186 0.92 24.18 -14.52
C THR F 186 1.09 24.91 -13.18
N ASP F 187 1.90 25.96 -13.19
CA ASP F 187 2.07 26.81 -12.00
C ASP F 187 0.72 27.34 -11.53
N THR F 188 -0.14 27.70 -12.47
CA THR F 188 -1.45 28.26 -12.12
C THR F 188 -2.32 27.22 -11.43
N LEU F 189 -2.33 26.00 -11.97
CA LEU F 189 -3.07 24.90 -11.36
C LEU F 189 -2.64 24.66 -9.92
N ILE F 190 -1.33 24.59 -9.72
CA ILE F 190 -0.77 24.43 -8.38
C ILE F 190 -1.19 25.58 -7.47
N HIS F 191 -1.09 26.80 -7.98
CA HIS F 191 -1.50 27.99 -7.24
C HIS F 191 -2.95 27.91 -6.80
N LEU F 192 -3.82 27.42 -7.67
CA LEU F 192 -5.23 27.24 -7.35
C LEU F 192 -5.45 26.25 -6.21
N MET F 193 -4.76 25.11 -6.29
CA MET F 193 -4.92 24.05 -5.29
C MET F 193 -4.34 24.46 -3.95
N ALA F 194 -3.27 25.24 -3.98
CA ALA F 194 -2.59 25.68 -2.77
C ALA F 194 -3.46 26.65 -1.97
N LYS F 195 -4.25 27.46 -2.67
CA LYS F 195 -5.14 28.41 -2.02
C LYS F 195 -6.41 27.72 -1.53
N ALA F 196 -6.67 26.52 -2.06
CA ALA F 196 -7.82 25.74 -1.65
C ALA F 196 -7.57 25.04 -0.31
N GLY F 197 -6.31 25.08 0.14
CA GLY F 197 -5.95 24.51 1.42
C GLY F 197 -5.24 23.17 1.31
N LEU F 198 -5.09 22.66 0.09
CA LEU F 198 -4.44 21.37 -0.12
C LEU F 198 -2.98 21.39 0.29
N THR F 199 -2.52 20.30 0.89
CA THR F 199 -1.11 20.17 1.22
C THR F 199 -0.29 20.00 -0.06
N LEU F 200 1.02 20.15 0.04
CA LEU F 200 1.88 20.06 -1.13
C LEU F 200 1.76 18.70 -1.79
N GLN F 201 1.58 17.67 -0.97
CA GLN F 201 1.39 16.32 -1.48
C GLN F 201 0.07 16.21 -2.24
N GLN F 202 -0.97 16.83 -1.68
CA GLN F 202 -2.30 16.80 -2.30
C GLN F 202 -2.31 17.58 -3.61
N GLN F 203 -1.54 18.67 -3.67
CA GLN F 203 -1.43 19.47 -4.89
C GLN F 203 -0.80 18.64 -6.00
N HIS F 204 0.26 17.90 -5.65
CA HIS F 204 0.94 17.04 -6.60
C HIS F 204 0.03 15.90 -7.06
N GLN F 205 -0.65 15.29 -6.11
CA GLN F 205 -1.56 14.19 -6.41
C GLN F 205 -2.70 14.64 -7.32
N ARG F 206 -3.32 15.76 -6.98
CA ARG F 206 -4.45 16.27 -7.76
C ARG F 206 -4.02 16.69 -9.16
N LEU F 207 -2.86 17.31 -9.26
CA LEU F 207 -2.30 17.71 -10.55
C LEU F 207 -2.13 16.51 -11.47
N ALA F 208 -1.58 15.42 -10.92
CA ALA F 208 -1.40 14.18 -11.66
C ALA F 208 -2.73 13.60 -12.10
N GLN F 209 -3.69 13.56 -11.20
CA GLN F 209 -5.02 13.02 -11.50
C GLN F 209 -5.65 13.75 -12.67
N LEU F 210 -5.52 15.07 -12.68
CA LEU F 210 -6.14 15.88 -13.71
C LEU F 210 -5.51 15.64 -15.08
N LEU F 211 -4.19 15.54 -15.09
CA LEU F 211 -3.47 15.41 -16.35
C LEU F 211 -3.57 14.01 -16.93
N LEU F 212 -3.84 13.03 -16.08
CA LEU F 212 -4.02 11.66 -16.52
C LEU F 212 -5.37 11.48 -17.21
N ILE F 213 -6.32 12.35 -16.86
CA ILE F 213 -7.63 12.32 -17.49
C ILE F 213 -7.53 12.82 -18.94
N LEU F 214 -6.58 13.70 -19.19
CA LEU F 214 -6.36 14.20 -20.55
C LEU F 214 -5.96 13.07 -21.48
N SER F 215 -5.32 12.04 -20.93
CA SER F 215 -4.97 10.86 -21.70
C SER F 215 -6.22 10.14 -22.18
N HIS F 216 -7.21 10.06 -21.30
CA HIS F 216 -8.46 9.40 -21.61
C HIS F 216 -9.25 10.24 -22.62
N ILE F 217 -9.16 11.56 -22.48
CA ILE F 217 -9.84 12.47 -23.39
C ILE F 217 -9.23 12.38 -24.79
N ARG F 218 -7.91 12.18 -24.85
CA ARG F 218 -7.25 11.96 -26.14
C ARG F 218 -7.78 10.70 -26.79
N HIS F 219 -7.98 9.67 -25.97
CA HIS F 219 -8.49 8.39 -26.44
C HIS F 219 -9.91 8.53 -27.01
N MET F 220 -10.78 9.20 -26.27
CA MET F 220 -12.15 9.43 -26.72
C MET F 220 -12.18 10.19 -28.03
N SER F 221 -11.27 11.15 -28.16
CA SER F 221 -11.19 11.97 -29.36
C SER F 221 -10.78 11.16 -30.58
N ASN F 222 -9.77 10.32 -30.44
CA ASN F 222 -9.32 9.47 -31.53
C ASN F 222 -10.44 8.54 -31.99
N LYS F 223 -11.13 7.94 -31.03
CA LYS F 223 -12.27 7.07 -31.32
C LYS F 223 -13.39 7.84 -32.03
N GLY F 224 -13.66 9.05 -31.57
CA GLY F 224 -14.69 9.88 -32.16
C GLY F 224 -14.32 10.32 -33.56
N MET F 225 -13.03 10.58 -33.77
CA MET F 225 -12.55 10.99 -35.08
C MET F 225 -12.72 9.88 -36.10
N GLU F 226 -12.48 8.65 -35.67
CA GLU F 226 -12.61 7.49 -36.53
C GLU F 226 -14.06 7.27 -36.93
N HIS F 227 -14.98 7.62 -36.03
CA HIS F 227 -16.39 7.44 -36.30
C HIS F 227 -16.93 8.56 -37.17
N LEU F 228 -16.35 9.76 -37.02
CA LEU F 228 -16.71 10.88 -37.87
C LEU F 228 -16.35 10.60 -39.31
N TYR F 229 -15.24 9.90 -39.52
CA TYR F 229 -14.80 9.52 -40.86
C TYR F 229 -15.79 8.54 -41.49
N SER F 230 -16.34 7.64 -40.67
CA SER F 230 -17.32 6.68 -41.15
C SER F 230 -18.62 7.39 -41.56
N MET F 231 -19.06 8.34 -40.74
CA MET F 231 -20.25 9.13 -41.04
C MET F 231 -20.11 9.88 -42.35
N LYS F 232 -18.88 10.31 -42.65
CA LYS F 232 -18.59 10.97 -43.91
C LYS F 232 -18.79 10.02 -45.09
N CYS F 233 -18.25 8.80 -44.95
CA CYS F 233 -18.34 7.81 -46.01
C CYS F 233 -19.77 7.35 -46.23
N LYS F 234 -20.54 7.26 -45.16
CA LYS F 234 -21.95 6.88 -45.26
C LYS F 234 -22.75 7.95 -45.98
N ASN F 235 -22.29 9.19 -45.85
CA ASN F 235 -22.88 10.33 -46.54
C ASN F 235 -24.38 10.49 -46.29
N VAL F 236 -24.80 10.21 -45.07
CA VAL F 236 -26.20 10.36 -44.70
C VAL F 236 -26.40 11.61 -43.84
N VAL F 237 -25.72 11.65 -42.69
CA VAL F 237 -25.77 12.81 -41.81
C VAL F 237 -24.89 13.93 -42.33
N PRO F 238 -25.48 15.12 -42.55
CA PRO F 238 -24.76 16.28 -43.09
C PRO F 238 -23.64 16.77 -42.19
N LEU F 239 -22.53 17.18 -42.80
CA LEU F 239 -21.39 17.71 -42.07
C LEU F 239 -20.95 19.02 -42.70
N SER F 240 -20.66 20.02 -41.87
CA SER F 240 -20.25 21.33 -42.38
C SER F 240 -18.90 21.25 -43.05
N ASP F 241 -18.60 22.22 -43.90
CA ASP F 241 -17.35 22.25 -44.64
C ASP F 241 -16.15 22.38 -43.70
N LEU F 242 -16.30 23.18 -42.65
CA LEU F 242 -15.25 23.33 -41.65
C LEU F 242 -15.02 22.01 -40.92
N LEU F 243 -16.10 21.32 -40.59
CA LEU F 243 -16.01 20.07 -39.86
C LEU F 243 -15.34 19.00 -40.73
N LEU F 244 -15.63 19.03 -42.03
CA LEU F 244 -15.02 18.11 -42.97
C LEU F 244 -13.54 18.39 -43.14
N GLU F 245 -13.16 19.66 -43.16
CA GLU F 245 -11.75 20.02 -43.31
C GLU F 245 -10.95 19.67 -42.05
N MET F 246 -11.59 19.78 -40.89
CA MET F 246 -10.92 19.39 -39.65
C MET F 246 -10.77 17.88 -39.60
N LEU F 247 -11.75 17.18 -40.18
CA LEU F 247 -11.74 15.73 -40.21
C LEU F 247 -10.64 15.22 -41.15
N ASP F 248 -10.43 15.93 -42.25
CA ASP F 248 -9.39 15.58 -43.21
C ASP F 248 -7.99 15.78 -42.63
N ALA F 249 -7.86 16.73 -41.73
CA ALA F 249 -6.57 17.06 -41.12
C ALA F 249 -6.04 15.93 -40.24
N HIS F 250 -6.94 15.06 -39.77
CA HIS F 250 -6.55 13.97 -38.88
C HIS F 250 -6.16 12.71 -39.63
N ARG F 251 -6.84 12.44 -40.74
CA ARG F 251 -6.51 11.28 -41.56
C ARG F 251 -5.33 11.58 -42.48
N LEU F 252 -4.69 12.72 -42.26
CA LEU F 252 -3.51 13.11 -43.01
C LEU F 252 -2.33 13.41 -42.08
N HIS G 2 -12.77 -18.16 -24.04
CA HIS G 2 -11.38 -18.52 -23.79
C HIS G 2 -10.43 -17.55 -24.45
N LYS G 3 -9.48 -17.04 -23.68
CA LYS G 3 -8.50 -16.07 -24.19
C LYS G 3 -7.10 -16.38 -23.68
N ILE G 4 -6.11 -16.22 -24.57
CA ILE G 4 -4.73 -16.54 -24.24
C ILE G 4 -4.21 -15.70 -23.09
N LEU G 5 -4.67 -14.46 -23.01
CA LEU G 5 -4.24 -13.55 -21.96
C LEU G 5 -4.61 -14.09 -20.57
N HIS G 6 -5.73 -14.81 -20.51
CA HIS G 6 -6.16 -15.45 -19.26
C HIS G 6 -5.12 -16.44 -18.76
N ARG G 7 -4.72 -17.34 -19.64
CA ARG G 7 -3.78 -18.40 -19.29
C ARG G 7 -2.43 -17.83 -18.85
N LEU G 8 -1.94 -16.83 -19.57
CA LEU G 8 -0.63 -16.26 -19.29
C LEU G 8 -0.62 -15.47 -17.98
N LEU G 9 -1.79 -14.95 -17.59
CA LEU G 9 -1.92 -14.18 -16.36
C LEU G 9 -2.08 -15.08 -15.14
N GLN G 10 -2.59 -16.29 -15.36
CA GLN G 10 -2.82 -17.23 -14.26
C GLN G 10 -1.56 -18.04 -13.96
N ASP G 11 -0.74 -18.25 -14.98
CA ASP G 11 0.50 -19.01 -14.84
C ASP G 11 1.61 -18.15 -14.26
N HIS H 2 -5.80 22.90 -43.75
CA HIS H 2 -6.90 23.48 -44.51
C HIS H 2 -6.92 25.01 -44.32
N LYS H 3 -7.88 25.68 -44.95
CA LYS H 3 -7.88 27.14 -44.95
C LYS H 3 -9.14 27.81 -44.39
N ILE H 4 -10.21 27.07 -44.18
CA ILE H 4 -11.37 27.67 -43.52
C ILE H 4 -10.97 28.06 -42.11
N LEU H 5 -10.26 27.14 -41.45
CA LEU H 5 -9.70 27.40 -40.13
C LEU H 5 -8.65 28.50 -40.21
N HIS H 6 -7.82 28.44 -41.25
CA HIS H 6 -6.81 29.44 -41.52
C HIS H 6 -7.44 30.82 -41.65
N ARG H 7 -8.61 30.88 -42.28
CA ARG H 7 -9.34 32.12 -42.37
C ARG H 7 -9.96 32.71 -41.13
N LEU H 8 -10.72 31.90 -40.42
CA LEU H 8 -11.36 32.35 -39.18
C LEU H 8 -10.32 32.80 -38.16
N LEU H 9 -9.14 32.21 -38.25
CA LEU H 9 -8.04 32.55 -37.37
C LEU H 9 -7.41 33.87 -37.79
N GLN H 10 -7.51 34.19 -39.07
CA GLN H 10 -6.96 35.45 -39.60
C GLN H 10 -7.80 36.65 -39.21
N ASP H 11 -9.10 36.55 -39.41
CA ASP H 11 -10.02 37.65 -39.15
C ASP H 11 -10.05 38.04 -37.68
#